data_8W4N
#
_entry.id   8W4N
#
_cell.length_a   51.589
_cell.length_b   101.692
_cell.length_c   129.802
_cell.angle_alpha   90.00
_cell.angle_beta   90.72
_cell.angle_gamma   90.00
#
_symmetry.space_group_name_H-M   'P 1 21 1'
#
loop_
_entity.id
_entity.type
_entity.pdbx_description
1 polymer 'Glycoside hydrolase'
2 branched 'N-acetyl-alpha-neuraminic acid-(2-6)-beta-D-galactopyranose-(1-4)-2-acetamido-2-deoxy-beta-D-glucopyranose-(1-2)-alpha-D-mannopyranose-(1-3)-[beta-D-galactopyranose-(1-4)-2-acetamido-2-deoxy-beta-D-glucopyranose-(1-2)-alpha-D-mannopyranose-(1-6)]beta-D-mannopyranose-(1-4)-2-acetamido-2-deoxy-beta-D-glucopyranose'
3 non-polymer 'CALCIUM ION'
#
_entity_poly.entity_id   1
_entity_poly.type   'polypeptide(L)'
_entity_poly.pdbx_seq_one_letter_code
;MVAILAAQHDSLIRVKAEDKLVQTSPSVSAIDALHYLSENSKKEFKEELSKVEKAQPEKLKEIVSKAQQADKQAKTLAEM
KVPEKIPMKPLKGPLYGGYFRTWHDKTSDPAEKDKVNSMGELPKEVDLAFVFHDWTKDYSLFWQELATKHVPTLNKQGTR
VIRTIPWRFLAGGDHSGIAEDAQKYPNTPEGNKALAKAIVDEYVYKYNLDGLDVMIERDSIPKVNKEESKEGIERSIQVF
EEIGKLIGPKGADKSRLFIMDSTYMADKNPLIERGAPYIDLLLVQVYGTQGEKGGFDNANHKAVDTMEERWESYSKYIRP
EQYMVGFSFYEEKANSGNLWYDVNVEDDTNPNIGSEIKGTRAERYAKWQPKTGGVKGGIFSYGIDRDGVAHPKKNGPKTP
DLDKIVKSDYKVSKALKKVMENDKSYELIDQKDFPDKALREAVIAQVGSRRGNLERFNGTLRLDNPDIKSLEGLNKLKKL
AKLELIGLSQITKLDSSVLPENIKPTKDTLVSVLETYKNDDRKEEAKAIPQVALTISGLTGLKELNLAGFDRDSLAGIDA
ASLTSLEKVDLSSNKLDLAAGTENRQILDTMLATVTKHGGVSEKTFVFDHQKPTGLYPDTYGTKSLQLPVANDTIDLQAK
LLFGTVTNQGTLINSEADYKAYQEQEIAGHRFVDSSYDYKAFAVTYKDYKIKVTDSTLGVTDHKDLSTSKEETYKVEFFS
PINSTKPVHEAKIVVGEEKTMMVNLAEGATIIGGDADPTNAKKVFDGLLNNDTTTLSTSNKASIIFELKEPGLVKHWRFF
NDSKISKADYIKEAKLEAFVGHLEDSSKVKDSLEKSTEWVTVSDYSGEAQEFSQPLNNIGAKYWRITIDNKKSQYGYVSL
PELQIIGHRLPEAATVMTTMAAAEELSQQKDKFSQEQLKELEVKVAALKAALDNKMFNADTINASFADVKAYIDKLLADA
AGKKTLGKATKEAQPVATDAKEKAESENPKAD
;
_entity_poly.pdbx_strand_id   A
#
# COMPACT_ATOMS: atom_id res chain seq x y z
N MET A 80 21.31 49.33 -6.05
CA MET A 80 20.02 48.91 -6.61
C MET A 80 18.90 49.07 -5.59
N LYS A 81 17.99 50.01 -5.88
CA LYS A 81 16.88 50.30 -4.98
C LYS A 81 15.71 49.41 -5.35
N VAL A 82 15.36 48.49 -4.46
CA VAL A 82 14.27 47.55 -4.70
C VAL A 82 13.00 48.14 -4.10
N PRO A 83 11.98 48.43 -4.90
CA PRO A 83 10.75 49.01 -4.36
C PRO A 83 10.01 48.00 -3.48
N GLU A 84 9.22 48.54 -2.56
CA GLU A 84 8.47 47.70 -1.64
C GLU A 84 7.30 47.02 -2.34
N LYS A 85 6.89 45.88 -1.80
CA LYS A 85 5.79 45.12 -2.37
C LYS A 85 4.49 45.91 -2.35
N ILE A 86 3.79 45.91 -3.47
CA ILE A 86 2.51 46.61 -3.59
C ILE A 86 1.38 45.66 -3.17
N PRO A 87 0.23 46.19 -2.75
CA PRO A 87 -0.89 45.30 -2.42
C PRO A 87 -1.39 44.51 -3.63
N MET A 88 -1.79 43.27 -3.38
CA MET A 88 -2.37 42.41 -4.41
C MET A 88 -3.59 41.70 -3.86
N LYS A 89 -4.49 41.30 -4.77
CA LYS A 89 -5.63 40.49 -4.39
C LYS A 89 -5.17 39.10 -3.98
N PRO A 90 -5.96 38.39 -3.19
CA PRO A 90 -5.63 36.99 -2.87
C PRO A 90 -5.72 36.11 -4.09
N LEU A 91 -4.99 35.00 -4.04
CA LEU A 91 -5.06 34.02 -5.13
C LEU A 91 -6.38 33.27 -5.10
N LYS A 92 -7.03 33.19 -6.25
CA LYS A 92 -8.26 32.43 -6.41
C LYS A 92 -8.16 31.57 -7.66
N GLY A 93 -8.52 30.30 -7.54
CA GLY A 93 -8.45 29.37 -8.64
C GLY A 93 -9.54 29.61 -9.66
N PRO A 94 -9.42 28.98 -10.84
CA PRO A 94 -8.25 28.18 -11.24
C PRO A 94 -7.06 29.06 -11.62
N LEU A 95 -5.85 28.52 -11.48
CA LEU A 95 -4.63 29.30 -11.63
C LEU A 95 -3.87 28.87 -12.88
N TYR A 96 -3.28 29.85 -13.56
CA TYR A 96 -2.37 29.60 -14.68
C TYR A 96 -0.99 30.09 -14.28
N GLY A 97 -0.01 29.19 -14.34
CA GLY A 97 1.37 29.53 -14.07
C GLY A 97 2.25 29.40 -15.30
N GLY A 98 3.43 30.02 -15.28
CA GLY A 98 4.32 29.89 -16.43
C GLY A 98 5.78 30.15 -16.11
N TYR A 99 6.64 29.19 -16.49
CA TYR A 99 8.07 29.35 -16.32
C TYR A 99 8.62 30.20 -17.45
N PHE A 100 9.28 31.30 -17.11
CA PHE A 100 9.91 32.16 -18.11
C PHE A 100 11.42 31.95 -18.07
N ARG A 101 12.01 31.71 -19.23
CA ARG A 101 13.43 31.41 -19.34
C ARG A 101 14.22 32.72 -19.40
N THR A 102 15.12 32.91 -18.43
CA THR A 102 15.79 34.20 -18.28
C THR A 102 16.56 34.58 -19.53
N TRP A 103 17.15 33.61 -20.23
CA TRP A 103 17.93 33.93 -21.40
C TRP A 103 17.09 34.30 -22.62
N HIS A 104 15.77 34.44 -22.47
CA HIS A 104 14.91 34.96 -23.52
C HIS A 104 14.34 36.33 -23.18
N ASP A 105 14.70 36.90 -22.03
CA ASP A 105 14.45 38.30 -21.76
C ASP A 105 15.42 39.16 -22.57
N LYS A 106 14.96 40.34 -22.98
CA LYS A 106 15.80 41.23 -23.78
C LYS A 106 17.02 41.70 -23.01
N THR A 107 16.90 41.82 -21.68
CA THR A 107 17.94 42.37 -20.83
C THR A 107 18.96 41.32 -20.38
N SER A 108 18.76 40.05 -20.72
CA SER A 108 19.71 39.01 -20.35
C SER A 108 21.07 39.26 -20.95
N ASP A 109 21.16 39.18 -22.27
CA ASP A 109 22.40 39.37 -23.01
C ASP A 109 22.20 40.47 -24.04
N PRO A 110 22.69 41.68 -23.80
CA PRO A 110 22.52 42.74 -24.80
C PRO A 110 23.14 42.40 -26.15
N ALA A 111 24.27 41.68 -26.15
CA ALA A 111 24.89 41.27 -27.41
C ALA A 111 24.02 40.28 -28.17
N GLU A 112 23.37 39.36 -27.45
CA GLU A 112 22.56 38.30 -28.07
C GLU A 112 21.23 38.91 -28.49
N LYS A 113 21.24 39.52 -29.67
CA LYS A 113 20.16 40.39 -30.16
C LYS A 113 18.98 39.61 -30.72
N ASP A 114 19.04 38.29 -30.79
CA ASP A 114 17.89 37.51 -31.28
C ASP A 114 16.84 37.27 -30.20
N LYS A 115 17.14 37.58 -28.94
CA LYS A 115 16.17 37.44 -27.86
C LYS A 115 15.40 38.74 -27.73
N VAL A 116 14.09 38.69 -28.00
CA VAL A 116 13.26 39.89 -28.08
C VAL A 116 12.08 39.85 -27.12
N ASN A 117 11.88 38.76 -26.38
CA ASN A 117 10.76 38.71 -25.45
C ASN A 117 11.13 39.38 -24.13
N SER A 118 10.10 39.67 -23.34
CA SER A 118 10.28 40.27 -22.04
C SER A 118 9.38 39.57 -21.04
N MET A 119 9.88 39.39 -19.81
CA MET A 119 9.08 38.78 -18.76
C MET A 119 7.97 39.70 -18.29
N GLY A 120 8.20 41.01 -18.32
CA GLY A 120 7.24 41.99 -17.85
C GLY A 120 6.06 42.23 -18.76
N GLU A 121 5.99 41.54 -19.89
CA GLU A 121 4.86 41.66 -20.81
C GLU A 121 3.91 40.47 -20.71
N LEU A 122 4.05 39.63 -19.69
CA LEU A 122 3.10 38.55 -19.48
C LEU A 122 1.72 39.13 -19.15
N PRO A 123 0.65 38.56 -19.70
CA PRO A 123 -0.68 39.12 -19.46
C PRO A 123 -1.17 38.79 -18.06
N LYS A 124 -2.25 39.49 -17.66
CA LYS A 124 -2.81 39.28 -16.33
C LYS A 124 -3.43 37.91 -16.16
N GLU A 125 -3.68 37.19 -17.26
CA GLU A 125 -4.11 35.80 -17.16
C GLU A 125 -3.08 34.96 -16.43
N VAL A 126 -1.80 35.31 -16.54
CA VAL A 126 -0.75 34.62 -15.82
C VAL A 126 -0.85 34.97 -14.34
N ASP A 127 -1.10 33.96 -13.51
CA ASP A 127 -1.20 34.14 -12.06
C ASP A 127 0.17 34.02 -11.40
N LEU A 128 0.94 33.01 -11.77
CA LEU A 128 2.26 32.76 -11.23
C LEU A 128 3.27 32.85 -12.36
N ALA A 129 4.24 33.74 -12.23
CA ALA A 129 5.31 33.87 -13.21
C ALA A 129 6.59 33.33 -12.57
N PHE A 130 7.06 32.20 -13.07
CA PHE A 130 8.24 31.56 -12.52
C PHE A 130 9.48 32.06 -13.24
N VAL A 131 10.48 32.49 -12.48
CA VAL A 131 11.77 32.88 -13.02
C VAL A 131 12.63 31.64 -13.12
N PHE A 132 13.12 31.35 -14.32
CA PHE A 132 13.83 30.11 -14.62
C PHE A 132 15.22 30.50 -15.11
N HIS A 133 16.19 30.51 -14.20
CA HIS A 133 17.50 31.10 -14.46
C HIS A 133 18.53 30.02 -14.74
N ASP A 134 19.18 30.12 -15.89
CA ASP A 134 20.38 29.40 -16.31
C ASP A 134 20.77 29.98 -17.66
N TRP A 135 22.05 29.83 -18.02
CA TRP A 135 22.60 30.38 -19.26
C TRP A 135 22.51 31.91 -19.29
N THR A 136 22.37 32.55 -18.13
CA THR A 136 22.25 33.99 -18.02
C THR A 136 23.33 34.50 -17.08
N LYS A 137 23.91 35.65 -17.42
CA LYS A 137 25.01 36.21 -16.65
C LYS A 137 24.56 36.52 -15.22
N ASP A 138 25.52 36.45 -14.30
CA ASP A 138 25.25 36.79 -12.91
C ASP A 138 25.25 38.30 -12.70
N TYR A 139 26.16 39.00 -13.37
CA TYR A 139 26.26 40.46 -13.35
C TYR A 139 25.33 41.12 -14.36
N SER A 140 24.32 40.40 -14.84
CA SER A 140 23.50 40.87 -15.94
C SER A 140 22.49 41.93 -15.48
N LEU A 141 22.01 42.70 -16.45
CA LEU A 141 21.02 43.74 -16.19
C LEU A 141 19.61 43.20 -16.06
N PHE A 142 19.39 41.92 -16.33
CA PHE A 142 18.06 41.32 -16.18
C PHE A 142 17.63 41.35 -14.73
N TRP A 143 18.56 41.09 -13.79
CA TRP A 143 18.23 41.11 -12.38
C TRP A 143 17.83 42.51 -11.92
N GLN A 144 18.55 43.54 -12.37
CA GLN A 144 18.15 44.91 -12.07
C GLN A 144 16.82 45.23 -12.72
N GLU A 145 16.61 44.76 -13.96
CA GLU A 145 15.34 44.98 -14.63
C GLU A 145 14.20 44.28 -13.91
N LEU A 146 14.43 43.05 -13.45
CA LEU A 146 13.37 42.29 -12.79
C LEU A 146 12.96 42.91 -11.47
N ALA A 147 13.93 43.25 -10.63
CA ALA A 147 13.61 43.76 -9.29
C ALA A 147 12.94 45.14 -9.35
N THR A 148 13.24 45.92 -10.37
CA THR A 148 12.81 47.31 -10.42
C THR A 148 11.65 47.57 -11.38
N LYS A 149 11.52 46.78 -12.44
CA LYS A 149 10.48 46.99 -13.42
C LYS A 149 9.50 45.82 -13.51
N HIS A 150 10.00 44.60 -13.71
CA HIS A 150 9.12 43.46 -13.97
C HIS A 150 8.28 43.12 -12.74
N VAL A 151 8.90 43.07 -11.56
CA VAL A 151 8.15 42.76 -10.34
C VAL A 151 7.05 43.78 -10.05
N PRO A 152 7.31 45.09 -10.06
CA PRO A 152 6.19 46.04 -9.90
C PRO A 152 5.14 45.92 -11.00
N THR A 153 5.56 45.69 -12.24
CA THR A 153 4.60 45.63 -13.35
C THR A 153 3.69 44.43 -13.22
N LEU A 154 4.25 43.26 -12.90
CA LEU A 154 3.42 42.06 -12.80
C LEU A 154 2.59 42.05 -11.52
N ASN A 155 3.10 42.63 -10.44
CA ASN A 155 2.30 42.71 -9.21
C ASN A 155 1.08 43.61 -9.39
N LYS A 156 1.17 44.63 -10.26
CA LYS A 156 0.05 45.53 -10.45
C LYS A 156 -1.15 44.83 -11.08
N GLN A 157 -0.90 43.93 -12.02
CA GLN A 157 -1.97 43.16 -12.64
C GLN A 157 -2.33 41.91 -11.85
N GLY A 158 -1.72 41.69 -10.69
CA GLY A 158 -2.04 40.53 -9.88
C GLY A 158 -1.26 39.29 -10.18
N THR A 159 -0.02 39.41 -10.64
CA THR A 159 0.81 38.27 -11.04
C THR A 159 1.98 38.15 -10.08
N ARG A 160 1.97 37.08 -9.28
CA ARG A 160 3.12 36.76 -8.44
C ARG A 160 4.31 36.36 -9.29
N VAL A 161 5.49 36.84 -8.90
CA VAL A 161 6.75 36.46 -9.53
C VAL A 161 7.47 35.51 -8.59
N ILE A 162 7.70 34.28 -9.05
CA ILE A 162 8.25 33.21 -8.22
C ILE A 162 9.65 32.90 -8.71
N ARG A 163 10.59 32.80 -7.78
CA ARG A 163 11.95 32.34 -8.09
C ARG A 163 12.00 30.82 -7.99
N THR A 164 12.55 30.20 -9.02
CA THR A 164 12.66 28.74 -9.09
C THR A 164 14.10 28.34 -8.87
N ILE A 165 14.32 27.42 -7.93
CA ILE A 165 15.65 26.91 -7.63
C ILE A 165 15.62 25.39 -7.75
N PRO A 166 16.74 24.74 -8.05
CA PRO A 166 16.74 23.28 -8.12
C PRO A 166 16.87 22.63 -6.74
N TRP A 167 16.57 21.35 -6.71
CA TRP A 167 16.64 20.55 -5.49
C TRP A 167 18.04 20.60 -4.86
N ARG A 168 19.08 20.67 -5.69
CA ARG A 168 20.44 20.69 -5.17
C ARG A 168 20.70 21.87 -4.23
N PHE A 169 20.03 23.00 -4.47
CA PHE A 169 20.27 24.20 -3.67
C PHE A 169 19.92 24.00 -2.21
N LEU A 170 19.12 22.97 -1.90
CA LEU A 170 18.73 22.67 -0.52
C LEU A 170 19.61 21.61 0.12
N ALA A 171 20.64 21.14 -0.57
CA ALA A 171 21.43 20.03 -0.05
C ALA A 171 22.92 20.34 -0.03
N GLY A 172 23.40 21.13 -0.99
CA GLY A 172 24.81 21.33 -1.16
C GLY A 172 25.41 20.30 -2.11
N GLY A 173 26.71 20.48 -2.38
CA GLY A 173 27.40 19.60 -3.29
C GLY A 173 27.56 20.20 -4.67
N ASP A 174 27.44 19.37 -5.70
CA ASP A 174 27.63 19.83 -7.07
C ASP A 174 26.55 20.84 -7.45
N HIS A 175 26.98 22.06 -7.80
CA HIS A 175 26.11 23.08 -8.40
C HIS A 175 24.90 23.38 -7.50
N SER A 176 25.18 23.88 -6.30
CA SER A 176 24.16 24.11 -5.29
C SER A 176 23.99 25.58 -4.91
N GLY A 177 24.59 26.50 -5.64
CA GLY A 177 24.35 27.91 -5.39
C GLY A 177 24.90 28.32 -4.03
N ILE A 178 24.01 28.89 -3.21
CA ILE A 178 24.42 29.39 -1.89
C ILE A 178 25.04 28.28 -1.05
N ALA A 179 24.46 27.08 -1.11
CA ALA A 179 24.94 25.96 -0.30
C ALA A 179 26.34 25.50 -0.68
N GLU A 180 26.98 26.11 -1.70
CA GLU A 180 28.34 25.73 -2.05
C GLU A 180 29.34 26.06 -0.95
N ASP A 181 29.05 27.10 -0.15
CA ASP A 181 29.95 27.54 0.92
C ASP A 181 29.66 26.71 2.18
N ALA A 182 30.20 25.49 2.18
CA ALA A 182 29.94 24.57 3.29
C ALA A 182 30.48 25.11 4.61
N GLN A 183 31.56 25.89 4.57
CA GLN A 183 32.12 26.42 5.80
C GLN A 183 31.14 27.36 6.49
N LYS A 184 30.49 28.23 5.73
CA LYS A 184 29.53 29.16 6.31
C LYS A 184 28.21 28.48 6.68
N TYR A 185 27.82 27.48 5.90
CA TYR A 185 26.58 26.72 6.13
C TYR A 185 26.92 25.24 6.16
N PRO A 186 27.38 24.73 7.30
CA PRO A 186 27.69 23.30 7.40
C PRO A 186 26.44 22.46 7.58
N ASN A 187 26.63 21.15 7.47
CA ASN A 187 25.53 20.19 7.66
C ASN A 187 25.33 19.90 9.15
N THR A 188 24.94 20.95 9.88
CA THR A 188 24.62 20.88 11.28
C THR A 188 23.21 21.41 11.50
N PRO A 189 22.54 21.01 12.60
CA PRO A 189 21.20 21.55 12.85
C PRO A 189 21.15 23.07 12.87
N GLU A 190 22.20 23.71 13.40
CA GLU A 190 22.28 25.17 13.33
C GLU A 190 22.63 25.63 11.92
N GLY A 191 23.47 24.87 11.21
CA GLY A 191 23.81 25.25 9.84
C GLY A 191 22.64 25.12 8.89
N ASN A 192 21.84 24.07 9.04
CA ASN A 192 20.66 23.91 8.19
C ASN A 192 19.66 25.03 8.43
N LYS A 193 19.48 25.44 9.69
CA LYS A 193 18.60 26.56 10.00
C LYS A 193 19.08 27.84 9.35
N ALA A 194 20.39 28.09 9.39
CA ALA A 194 20.94 29.33 8.83
C ALA A 194 20.99 29.29 7.31
N LEU A 195 21.22 28.13 6.70
CA LEU A 195 21.21 28.04 5.24
C LEU A 195 19.83 28.37 4.69
N ALA A 196 18.77 27.89 5.36
CA ALA A 196 17.41 28.17 4.91
C ALA A 196 17.15 29.67 4.88
N LYS A 197 17.54 30.38 5.93
CA LYS A 197 17.37 31.83 5.95
C LYS A 197 18.17 32.49 4.84
N ALA A 198 19.39 32.01 4.58
CA ALA A 198 20.20 32.55 3.51
C ALA A 198 19.56 32.31 2.15
N ILE A 199 18.90 31.17 1.98
CA ILE A 199 18.25 30.87 0.70
C ILE A 199 17.11 31.84 0.44
N VAL A 200 16.27 32.08 1.45
CA VAL A 200 15.16 33.01 1.29
C VAL A 200 15.67 34.43 1.07
N ASP A 201 16.68 34.83 1.85
CA ASP A 201 17.25 36.16 1.68
C ASP A 201 17.82 36.34 0.27
N GLU A 202 18.42 35.28 -0.28
CA GLU A 202 19.10 35.40 -1.56
C GLU A 202 18.16 35.23 -2.73
N TYR A 203 17.24 34.29 -2.66
CA TYR A 203 16.41 33.97 -3.82
C TYR A 203 15.01 34.57 -3.76
N VAL A 204 14.53 34.97 -2.59
CA VAL A 204 13.21 35.57 -2.46
C VAL A 204 13.30 37.05 -2.13
N TYR A 205 13.88 37.40 -0.99
CA TYR A 205 13.84 38.77 -0.49
C TYR A 205 14.78 39.72 -1.23
N LYS A 206 15.81 39.21 -1.89
CA LYS A 206 16.82 40.10 -2.47
C LYS A 206 16.21 41.03 -3.50
N TYR A 207 15.46 40.46 -4.45
CA TYR A 207 14.75 41.25 -5.45
C TYR A 207 13.28 41.40 -5.10
N ASN A 208 12.89 41.01 -3.88
CA ASN A 208 11.52 41.11 -3.38
C ASN A 208 10.55 40.36 -4.27
N LEU A 209 10.87 39.09 -4.53
CA LEU A 209 9.98 38.24 -5.30
C LEU A 209 8.87 37.68 -4.40
N ASP A 210 7.91 37.00 -5.03
CA ASP A 210 6.68 36.62 -4.34
C ASP A 210 6.69 35.21 -3.78
N GLY A 211 7.73 34.42 -4.03
CA GLY A 211 7.77 33.08 -3.47
C GLY A 211 8.92 32.27 -4.03
N LEU A 212 9.11 31.10 -3.42
CA LEU A 212 10.14 30.15 -3.82
C LEU A 212 9.50 28.91 -4.43
N ASP A 213 10.23 28.29 -5.34
CA ASP A 213 9.77 27.09 -6.05
C ASP A 213 10.95 26.13 -6.13
N VAL A 214 10.91 25.08 -5.31
CA VAL A 214 11.95 24.06 -5.33
C VAL A 214 11.56 22.99 -6.34
N MET A 215 12.54 22.53 -7.10
CA MET A 215 12.36 21.68 -8.28
C MET A 215 12.94 20.31 -7.97
N ILE A 216 12.08 19.29 -7.91
CA ILE A 216 12.45 17.97 -7.40
C ILE A 216 12.32 16.97 -8.55
N GLU A 217 13.44 16.69 -9.20
CA GLU A 217 13.51 15.76 -10.33
C GLU A 217 14.92 15.20 -10.39
N ARG A 218 15.12 14.20 -11.26
CA ARG A 218 16.47 13.66 -11.43
C ARG A 218 17.44 14.69 -11.97
N ASP A 219 16.96 15.60 -12.82
CA ASP A 219 17.82 16.60 -13.44
C ASP A 219 18.37 17.60 -12.44
N SER A 220 17.85 17.60 -11.21
CA SER A 220 18.35 18.48 -10.15
C SER A 220 18.58 17.72 -8.84
N ILE A 221 18.78 16.42 -8.90
CA ILE A 221 19.05 15.66 -7.67
C ILE A 221 20.41 16.08 -7.11
N PRO A 222 20.59 16.11 -5.79
CA PRO A 222 21.90 16.48 -5.24
C PRO A 222 22.96 15.47 -5.64
N LYS A 223 24.13 15.98 -6.01
CA LYS A 223 25.24 15.13 -6.41
C LYS A 223 26.52 15.64 -5.78
N VAL A 224 27.43 14.71 -5.51
CA VAL A 224 28.78 15.03 -5.06
C VAL A 224 29.75 14.26 -5.95
N ASN A 225 30.59 15.00 -6.68
CA ASN A 225 31.50 14.41 -7.66
C ASN A 225 30.73 13.58 -8.69
N LYS A 226 29.65 14.17 -9.19
CA LYS A 226 28.82 13.70 -10.31
C LYS A 226 28.05 12.43 -9.99
N GLU A 227 28.19 11.85 -8.80
CA GLU A 227 27.38 10.71 -8.41
C GLU A 227 26.30 11.16 -7.43
N GLU A 228 25.12 10.57 -7.56
CA GLU A 228 23.98 10.94 -6.72
C GLU A 228 24.29 10.70 -5.25
N SER A 229 23.98 11.69 -4.41
CA SER A 229 24.35 11.71 -2.99
C SER A 229 23.13 11.41 -2.14
N LYS A 230 23.05 10.18 -1.62
CA LYS A 230 21.99 9.82 -0.68
C LYS A 230 22.11 10.60 0.63
N GLU A 231 23.29 11.12 0.93
CA GLU A 231 23.48 11.96 2.12
C GLU A 231 22.93 13.36 1.91
N GLY A 232 23.15 13.92 0.71
CA GLY A 232 22.62 15.25 0.41
C GLY A 232 21.09 15.27 0.35
N ILE A 233 20.50 14.21 -0.19
CA ILE A 233 19.05 14.12 -0.26
C ILE A 233 18.44 14.25 1.14
N GLU A 234 19.03 13.58 2.12
CA GLU A 234 18.53 13.67 3.49
C GLU A 234 18.64 15.08 4.03
N ARG A 235 19.70 15.80 3.67
CA ARG A 235 19.86 17.17 4.14
C ARG A 235 18.81 18.10 3.54
N SER A 236 18.46 17.89 2.27
CA SER A 236 17.45 18.74 1.63
C SER A 236 16.11 18.63 2.34
N ILE A 237 15.81 17.48 2.94
CA ILE A 237 14.58 17.33 3.70
C ILE A 237 14.60 18.25 4.92
N GLN A 238 15.71 18.24 5.66
CA GLN A 238 15.83 19.10 6.83
C GLN A 238 15.77 20.56 6.44
N VAL A 239 16.46 20.93 5.35
CA VAL A 239 16.43 22.32 4.90
C VAL A 239 15.05 22.68 4.36
N PHE A 240 14.36 21.74 3.72
CA PHE A 240 13.03 22.04 3.17
C PHE A 240 12.06 22.44 4.27
N GLU A 241 12.09 21.74 5.41
CA GLU A 241 11.24 22.13 6.53
C GLU A 241 11.66 23.49 7.07
N GLU A 242 12.97 23.74 7.18
CA GLU A 242 13.44 25.00 7.71
C GLU A 242 13.05 26.17 6.82
N ILE A 243 13.03 25.96 5.51
CA ILE A 243 12.50 26.99 4.62
C ILE A 243 11.01 27.17 4.87
N GLY A 244 10.29 26.08 5.11
CA GLY A 244 8.86 26.16 5.34
C GLY A 244 8.51 26.93 6.60
N LYS A 245 9.41 26.96 7.58
CA LYS A 245 9.18 27.74 8.78
C LYS A 245 9.39 29.23 8.55
N LEU A 246 9.87 29.62 7.38
CA LEU A 246 10.11 31.02 7.05
C LEU A 246 9.10 31.59 6.07
N ILE A 247 8.71 30.84 5.04
CA ILE A 247 7.73 31.27 4.06
C ILE A 247 6.67 30.19 3.91
N GLY A 248 5.67 30.46 3.10
CA GLY A 248 4.62 29.50 2.83
C GLY A 248 3.48 29.55 3.84
N PRO A 249 2.56 28.60 3.73
CA PRO A 249 1.37 28.63 4.60
C PRO A 249 1.69 28.50 6.08
N LYS A 250 2.75 27.80 6.45
CA LYS A 250 3.12 27.65 7.85
C LYS A 250 4.34 28.45 8.24
N GLY A 251 4.82 29.34 7.35
CA GLY A 251 6.01 30.11 7.64
C GLY A 251 5.74 31.36 8.44
N ALA A 252 6.83 31.96 8.94
CA ALA A 252 6.71 33.22 9.66
C ALA A 252 6.20 34.32 8.75
N ASP A 253 6.66 34.36 7.50
CA ASP A 253 6.18 35.31 6.51
C ASP A 253 5.26 34.57 5.56
N LYS A 254 3.95 34.79 5.71
CA LYS A 254 2.95 34.15 4.87
C LYS A 254 2.67 34.94 3.59
N SER A 255 3.35 36.07 3.40
CA SER A 255 3.20 36.84 2.17
C SER A 255 3.92 36.20 0.98
N ARG A 256 4.81 35.24 1.23
CA ARG A 256 5.59 34.60 0.17
C ARG A 256 5.17 33.15 0.01
N LEU A 257 5.04 32.73 -1.24
CA LEU A 257 4.61 31.37 -1.54
C LEU A 257 5.81 30.42 -1.47
N PHE A 258 5.50 29.14 -1.30
CA PHE A 258 6.52 28.09 -1.22
C PHE A 258 5.96 26.88 -1.94
N ILE A 259 6.57 26.55 -3.08
CA ILE A 259 5.98 25.66 -4.06
C ILE A 259 6.96 24.54 -4.37
N MET A 260 6.41 23.36 -4.67
CA MET A 260 7.22 22.20 -5.05
C MET A 260 6.71 21.66 -6.38
N ASP A 261 7.50 21.83 -7.43
CA ASP A 261 7.22 21.21 -8.72
C ASP A 261 8.07 19.95 -8.86
N SER A 262 7.48 18.90 -9.45
CA SER A 262 8.14 17.59 -9.40
C SER A 262 7.68 16.74 -10.57
N THR A 263 8.49 15.72 -10.88
CA THR A 263 8.18 14.69 -11.85
C THR A 263 7.89 13.34 -11.22
N TYR A 264 8.22 13.15 -9.96
CA TYR A 264 8.07 11.85 -9.32
C TYR A 264 6.62 11.61 -8.91
N MET A 265 6.25 10.32 -8.90
CA MET A 265 5.08 9.92 -8.14
C MET A 265 5.36 10.16 -6.66
N ALA A 266 4.29 10.36 -5.90
CA ALA A 266 4.46 10.75 -4.50
C ALA A 266 5.29 9.75 -3.72
N ASP A 267 5.24 8.47 -4.10
CA ASP A 267 6.06 7.48 -3.41
C ASP A 267 7.52 7.57 -3.80
N LYS A 268 7.80 8.04 -5.02
CA LYS A 268 9.18 8.21 -5.48
C LYS A 268 9.71 9.60 -5.15
N ASN A 269 8.98 10.38 -4.34
CA ASN A 269 9.34 11.75 -3.99
C ASN A 269 9.85 11.79 -2.56
N PRO A 270 11.16 11.90 -2.33
CA PRO A 270 11.68 11.88 -0.95
C PRO A 270 11.21 13.04 -0.09
N LEU A 271 10.77 14.16 -0.68
CA LEU A 271 10.52 15.36 0.09
C LEU A 271 9.04 15.66 0.30
N ILE A 272 8.13 14.94 -0.36
CA ILE A 272 6.71 15.25 -0.23
C ILE A 272 6.21 14.96 1.18
N GLU A 273 6.75 13.91 1.82
CA GLU A 273 6.18 13.44 3.07
C GLU A 273 6.29 14.48 4.18
N ARG A 274 7.43 15.17 4.26
CA ARG A 274 7.62 16.18 5.28
C ARG A 274 7.46 17.60 4.76
N GLY A 275 7.42 17.78 3.44
CA GLY A 275 7.34 19.12 2.88
C GLY A 275 5.93 19.58 2.57
N ALA A 276 4.99 18.64 2.47
CA ALA A 276 3.62 18.99 2.12
C ALA A 276 2.98 19.97 3.10
N PRO A 277 3.11 19.82 4.43
CA PRO A 277 2.50 20.81 5.33
C PRO A 277 3.04 22.22 5.14
N TYR A 278 4.20 22.40 4.51
CA TYR A 278 4.83 23.70 4.42
C TYR A 278 4.66 24.38 3.06
N ILE A 279 4.01 23.74 2.08
CA ILE A 279 3.97 24.28 0.73
C ILE A 279 2.58 24.81 0.43
N ASP A 280 2.53 25.89 -0.35
CA ASP A 280 1.27 26.47 -0.79
C ASP A 280 0.67 25.69 -1.95
N LEU A 281 1.51 25.36 -2.93
CA LEU A 281 1.06 24.70 -4.14
C LEU A 281 2.01 23.54 -4.46
N LEU A 282 1.58 22.69 -5.39
CA LEU A 282 2.39 21.58 -5.87
C LEU A 282 2.16 21.42 -7.35
N LEU A 283 3.24 21.46 -8.13
CA LEU A 283 3.18 21.35 -9.58
C LEU A 283 3.77 20.02 -10.02
N VAL A 284 3.12 19.39 -10.99
CA VAL A 284 3.59 18.13 -11.56
C VAL A 284 3.98 18.37 -13.01
N GLN A 285 5.14 17.87 -13.40
CA GLN A 285 5.69 18.10 -14.73
C GLN A 285 5.32 16.93 -15.64
N VAL A 286 4.03 16.89 -15.97
CA VAL A 286 3.48 15.81 -16.81
C VAL A 286 3.48 16.31 -18.25
N TYR A 287 4.62 16.13 -18.91
CA TYR A 287 4.78 16.58 -20.29
C TYR A 287 4.69 15.38 -21.22
N GLY A 288 4.05 15.59 -22.37
CA GLY A 288 4.01 14.58 -23.41
C GLY A 288 2.92 13.56 -23.21
N THR A 289 2.87 12.62 -24.16
CA THR A 289 1.87 11.56 -24.12
C THR A 289 2.14 10.56 -23.00
N GLN A 290 3.39 10.41 -22.56
CA GLN A 290 3.65 9.65 -21.34
C GLN A 290 3.19 10.42 -20.10
N GLY A 291 3.35 11.74 -20.11
CA GLY A 291 2.83 12.55 -19.03
C GLY A 291 1.31 12.54 -18.93
N GLU A 292 0.62 12.28 -20.03
CA GLU A 292 -0.84 12.25 -20.08
C GLU A 292 -1.40 10.85 -19.92
N LYS A 293 -0.98 9.91 -20.78
CA LYS A 293 -1.48 8.54 -20.73
C LYS A 293 -0.74 7.67 -19.72
N GLY A 294 0.41 8.11 -19.22
CA GLY A 294 1.23 7.30 -18.34
C GLY A 294 2.16 6.38 -19.12
N GLY A 295 3.07 5.76 -18.39
CA GLY A 295 3.90 4.74 -18.99
C GLY A 295 3.12 3.47 -19.27
N PHE A 296 3.68 2.63 -20.13
CA PHE A 296 3.03 1.39 -20.53
C PHE A 296 3.81 0.20 -20.00
N ASP A 297 3.10 -0.69 -19.31
CA ASP A 297 3.66 -1.96 -18.83
C ASP A 297 3.53 -2.95 -19.98
N ASN A 298 4.60 -3.10 -20.76
CA ASN A 298 4.57 -4.02 -21.90
C ASN A 298 4.33 -5.46 -21.49
N ALA A 299 4.67 -5.82 -20.24
CA ALA A 299 4.41 -7.17 -19.77
C ALA A 299 2.90 -7.43 -19.66
N ASN A 300 2.20 -6.63 -18.88
CA ASN A 300 0.79 -6.86 -18.58
C ASN A 300 -0.16 -6.07 -19.49
N HIS A 301 0.37 -5.32 -20.46
CA HIS A 301 -0.44 -4.55 -21.39
C HIS A 301 -1.39 -3.61 -20.65
N LYS A 302 -0.81 -2.77 -19.80
CA LYS A 302 -1.56 -1.88 -18.93
C LYS A 302 -0.79 -0.58 -18.81
N ALA A 303 -1.50 0.49 -18.46
CA ALA A 303 -0.88 1.78 -18.22
C ALA A 303 -0.41 1.87 -16.78
N VAL A 304 0.71 2.58 -16.58
CA VAL A 304 1.29 2.80 -15.27
C VAL A 304 1.63 4.28 -15.14
N ASP A 305 1.53 4.78 -13.90
CA ASP A 305 1.80 6.19 -13.59
C ASP A 305 0.92 7.12 -14.43
N THR A 306 -0.38 6.82 -14.44
CA THR A 306 -1.34 7.63 -15.18
C THR A 306 -1.56 8.96 -14.46
N MET A 307 -2.34 9.84 -15.10
CA MET A 307 -2.66 11.12 -14.48
C MET A 307 -3.41 10.92 -13.17
N GLU A 308 -4.46 10.11 -13.20
CA GLU A 308 -5.25 9.88 -11.99
C GLU A 308 -4.45 9.13 -10.95
N GLU A 309 -3.63 8.17 -11.38
CA GLU A 309 -2.75 7.46 -10.44
C GLU A 309 -1.77 8.43 -9.79
N ARG A 310 -1.20 9.34 -10.58
CA ARG A 310 -0.29 10.33 -10.03
C ARG A 310 -0.99 11.21 -9.01
N TRP A 311 -2.21 11.66 -9.32
CA TRP A 311 -2.95 12.48 -8.37
C TRP A 311 -3.29 11.71 -7.11
N GLU A 312 -3.75 10.45 -7.27
CA GLU A 312 -4.10 9.66 -6.10
C GLU A 312 -2.91 9.45 -5.18
N SER A 313 -1.69 9.44 -5.73
CA SER A 313 -0.51 9.35 -4.89
C SER A 313 -0.30 10.63 -4.09
N TYR A 314 -0.43 11.78 -4.75
CA TYR A 314 -0.23 13.05 -4.07
C TYR A 314 -1.45 13.50 -3.26
N SER A 315 -2.62 12.92 -3.51
CA SER A 315 -3.81 13.28 -2.75
C SER A 315 -3.71 12.87 -1.29
N LYS A 316 -2.75 12.01 -0.93
CA LYS A 316 -2.51 11.66 0.46
C LYS A 316 -1.91 12.82 1.24
N TYR A 317 -1.13 13.68 0.58
CA TYR A 317 -0.36 14.72 1.25
C TYR A 317 -0.93 16.13 1.08
N ILE A 318 -1.62 16.41 -0.02
CA ILE A 318 -2.11 17.76 -0.31
C ILE A 318 -3.57 17.71 -0.71
N ARG A 319 -4.20 18.89 -0.67
CA ARG A 319 -5.58 19.06 -1.08
C ARG A 319 -5.68 19.21 -2.60
N PRO A 320 -6.83 18.87 -3.18
CA PRO A 320 -6.98 18.99 -4.64
C PRO A 320 -6.75 20.39 -5.18
N GLU A 321 -7.11 21.43 -4.43
CA GLU A 321 -6.96 22.79 -4.93
C GLU A 321 -5.52 23.30 -4.87
N GLN A 322 -4.57 22.45 -4.49
CA GLN A 322 -3.14 22.77 -4.54
C GLN A 322 -2.43 22.08 -5.70
N TYR A 323 -3.12 21.21 -6.43
CA TYR A 323 -2.52 20.37 -7.46
C TYR A 323 -2.66 21.04 -8.83
N MET A 324 -1.52 21.34 -9.46
CA MET A 324 -1.48 21.92 -10.80
C MET A 324 -0.66 21.01 -11.70
N VAL A 325 -1.19 20.75 -12.90
CA VAL A 325 -0.52 19.97 -13.92
C VAL A 325 0.11 20.94 -14.92
N GLY A 326 1.03 20.43 -15.74
CA GLY A 326 1.82 21.29 -16.59
C GLY A 326 2.12 20.64 -17.92
N PHE A 327 2.10 21.46 -18.96
CA PHE A 327 2.54 21.13 -20.32
C PHE A 327 3.75 22.00 -20.65
N SER A 328 4.27 21.82 -21.87
CA SER A 328 5.45 22.55 -22.31
C SER A 328 5.27 23.03 -23.74
N PHE A 329 5.77 24.22 -24.04
CA PHE A 329 5.77 24.73 -25.40
C PHE A 329 6.95 24.14 -26.16
N TYR A 330 7.09 24.52 -27.43
CA TYR A 330 8.22 24.02 -28.23
C TYR A 330 9.46 24.86 -27.96
N GLU A 331 10.52 24.21 -27.49
CA GLU A 331 11.81 24.85 -27.31
C GLU A 331 12.59 24.78 -28.62
N GLU A 332 13.16 25.91 -29.02
CA GLU A 332 13.87 25.96 -30.29
C GLU A 332 15.06 25.03 -30.29
N LYS A 333 15.23 24.30 -31.40
CA LYS A 333 16.35 23.38 -31.59
C LYS A 333 16.38 22.30 -30.51
N ALA A 334 15.19 21.85 -30.10
CA ALA A 334 15.09 20.78 -29.11
C ALA A 334 15.42 19.45 -29.74
N ASN A 335 16.10 18.60 -28.98
CA ASN A 335 16.54 17.29 -29.45
C ASN A 335 15.54 16.21 -29.06
N SER A 336 15.69 15.04 -29.67
CA SER A 336 14.82 13.91 -29.36
C SER A 336 14.98 13.52 -27.89
N GLY A 337 13.86 13.27 -27.22
CA GLY A 337 13.83 13.18 -25.78
C GLY A 337 13.43 14.47 -25.11
N ASN A 338 13.31 15.57 -25.87
CA ASN A 338 12.78 16.82 -25.35
C ASN A 338 11.62 17.34 -26.21
N LEU A 339 11.07 16.49 -27.08
CA LEU A 339 9.90 16.86 -27.87
C LEU A 339 8.65 16.36 -27.16
N TRP A 340 7.68 17.25 -26.97
CA TRP A 340 6.52 16.96 -26.15
C TRP A 340 5.20 16.98 -26.90
N TYR A 341 5.09 17.77 -27.97
CA TYR A 341 3.87 17.83 -28.80
C TYR A 341 2.65 18.14 -27.96
N ASP A 342 2.81 19.00 -26.95
CA ASP A 342 1.70 19.43 -26.12
C ASP A 342 0.85 20.51 -26.78
N VAL A 343 1.37 21.14 -27.83
CA VAL A 343 0.64 22.17 -28.57
C VAL A 343 0.43 21.70 -30.01
N ASN A 344 -0.20 22.52 -30.82
CA ASN A 344 -0.51 22.13 -32.18
C ASN A 344 0.75 21.93 -33.00
N VAL A 345 0.75 20.91 -33.84
CA VAL A 345 1.84 20.65 -34.76
C VAL A 345 1.76 21.62 -35.93
N GLU A 346 2.92 22.04 -36.43
CA GLU A 346 2.99 23.05 -37.47
C GLU A 346 2.18 22.65 -38.69
N ASP A 347 1.78 23.65 -39.47
CA ASP A 347 1.06 23.44 -40.72
C ASP A 347 1.36 24.62 -41.64
N ASP A 348 1.95 24.33 -42.81
CA ASP A 348 2.30 25.39 -43.74
C ASP A 348 1.06 26.10 -44.27
N THR A 349 -0.10 25.45 -44.26
CA THR A 349 -1.33 26.05 -44.72
C THR A 349 -2.02 26.88 -43.63
N ASN A 350 -1.42 27.00 -42.45
CA ASN A 350 -1.94 27.88 -41.39
C ASN A 350 -0.77 28.39 -40.56
N PRO A 351 -0.28 29.59 -40.86
CA PRO A 351 0.90 30.10 -40.15
C PRO A 351 0.56 30.55 -38.74
N ASN A 352 -0.67 30.26 -38.31
CA ASN A 352 -1.08 30.67 -36.97
C ASN A 352 -1.76 29.52 -36.22
N ILE A 353 -1.51 28.26 -36.59
CA ILE A 353 -2.16 27.14 -35.92
C ILE A 353 -1.59 26.91 -34.52
N GLY A 354 -0.34 27.31 -34.29
CA GLY A 354 0.27 27.13 -32.99
C GLY A 354 -0.41 27.92 -31.89
N SER A 355 -1.05 29.03 -32.25
CA SER A 355 -1.76 29.84 -31.27
C SER A 355 -3.16 29.31 -30.97
N GLU A 356 -3.66 28.38 -31.77
CA GLU A 356 -4.91 27.71 -31.44
C GLU A 356 -4.66 26.63 -30.39
N ILE A 357 -5.66 26.41 -29.54
CA ILE A 357 -5.54 25.51 -28.40
C ILE A 357 -6.52 24.35 -28.46
N LYS A 358 -7.36 24.26 -29.48
CA LYS A 358 -8.44 23.29 -29.48
C LYS A 358 -7.91 21.87 -29.70
N GLY A 359 -8.30 20.95 -28.82
CA GLY A 359 -7.96 19.55 -28.96
C GLY A 359 -6.55 19.18 -28.59
N THR A 360 -5.75 20.11 -28.10
CA THR A 360 -4.35 19.83 -27.77
C THR A 360 -4.23 19.30 -26.35
N ARG A 361 -3.03 18.79 -26.03
CA ARG A 361 -2.79 18.29 -24.68
C ARG A 361 -2.84 19.41 -23.65
N ALA A 362 -2.54 20.64 -24.07
CA ALA A 362 -2.62 21.77 -23.15
C ALA A 362 -4.05 22.04 -22.75
N GLU A 363 -4.97 22.09 -23.72
CA GLU A 363 -6.38 22.30 -23.38
C GLU A 363 -6.95 21.10 -22.62
N ARG A 364 -6.52 19.89 -22.99
CA ARG A 364 -6.95 18.70 -22.25
C ARG A 364 -6.61 18.83 -20.78
N TYR A 365 -5.37 19.24 -20.48
CA TYR A 365 -4.97 19.44 -19.09
C TYR A 365 -5.80 20.52 -18.42
N ALA A 366 -6.14 21.58 -19.16
CA ALA A 366 -6.99 22.62 -18.60
C ALA A 366 -8.35 22.07 -18.22
N LYS A 367 -8.96 21.26 -19.10
CA LYS A 367 -10.28 20.71 -18.86
C LYS A 367 -10.27 19.50 -17.93
N TRP A 368 -9.10 18.90 -17.69
CA TRP A 368 -9.02 17.70 -16.87
C TRP A 368 -9.26 18.02 -15.40
N GLN A 369 -10.04 17.16 -14.74
CA GLN A 369 -10.26 17.26 -13.31
C GLN A 369 -10.17 15.85 -12.72
N PRO A 370 -9.60 15.72 -11.52
CA PRO A 370 -9.59 14.41 -10.87
C PRO A 370 -10.99 13.92 -10.56
N LYS A 371 -11.18 12.60 -10.62
CA LYS A 371 -12.51 12.05 -10.43
C LYS A 371 -12.95 12.11 -8.98
N THR A 372 -12.01 12.12 -8.03
CA THR A 372 -12.32 12.10 -6.62
C THR A 372 -11.56 13.19 -5.88
N GLY A 373 -12.27 13.89 -5.01
CA GLY A 373 -11.66 14.80 -4.05
C GLY A 373 -12.04 16.25 -4.24
N GLY A 374 -12.08 16.70 -5.49
CA GLY A 374 -12.35 18.10 -5.78
C GLY A 374 -11.58 18.66 -6.96
N VAL A 375 -11.94 19.85 -7.44
CA VAL A 375 -11.28 20.40 -8.61
C VAL A 375 -9.80 20.67 -8.31
N LYS A 376 -9.03 20.81 -9.39
CA LYS A 376 -7.59 21.02 -9.27
C LYS A 376 -7.27 22.51 -9.12
N GLY A 377 -5.99 22.80 -8.86
CA GLY A 377 -5.57 24.17 -8.70
C GLY A 377 -5.41 24.93 -10.00
N GLY A 378 -5.13 24.23 -11.08
CA GLY A 378 -4.96 24.86 -12.39
C GLY A 378 -3.93 24.12 -13.22
N ILE A 379 -3.37 24.82 -14.19
CA ILE A 379 -2.31 24.30 -15.04
C ILE A 379 -1.20 25.34 -15.14
N PHE A 380 -0.03 24.87 -15.57
CA PHE A 380 1.12 25.74 -15.79
C PHE A 380 1.83 25.34 -17.07
N SER A 381 2.65 26.25 -17.59
CA SER A 381 3.38 26.03 -18.83
C SER A 381 4.85 26.35 -18.64
N TYR A 382 5.72 25.48 -19.13
CA TYR A 382 7.15 25.76 -19.18
C TYR A 382 7.52 26.35 -20.54
N GLY A 383 8.48 27.27 -20.54
CA GLY A 383 8.85 27.94 -21.77
C GLY A 383 7.75 28.85 -22.29
N ILE A 384 7.16 29.63 -21.40
CA ILE A 384 6.07 30.53 -21.77
C ILE A 384 6.51 31.63 -22.73
N ASP A 385 7.82 31.84 -22.89
CA ASP A 385 8.31 32.79 -23.88
C ASP A 385 8.05 32.31 -25.30
N ARG A 386 7.80 31.02 -25.48
CA ARG A 386 7.55 30.43 -26.80
C ARG A 386 6.07 30.15 -27.04
N ASP A 387 5.19 30.95 -26.44
CA ASP A 387 3.76 30.78 -26.62
C ASP A 387 3.36 31.16 -28.05
N GLY A 388 2.56 30.30 -28.67
CA GLY A 388 2.10 30.49 -30.02
C GLY A 388 2.92 29.76 -31.07
N VAL A 389 4.16 29.39 -30.75
CA VAL A 389 5.02 28.72 -31.72
C VAL A 389 4.55 27.28 -31.89
N ALA A 390 4.33 26.88 -33.14
CA ALA A 390 3.84 25.53 -33.43
C ALA A 390 4.97 24.51 -33.31
N HIS A 391 4.59 23.28 -33.01
CA HIS A 391 5.52 22.18 -32.78
C HIS A 391 5.86 21.52 -34.12
N PRO A 392 7.13 21.22 -34.40
CA PRO A 392 7.47 20.56 -35.66
C PRO A 392 6.93 19.14 -35.72
N LYS A 393 6.68 18.69 -36.96
CA LYS A 393 6.12 17.37 -37.18
C LYS A 393 7.07 16.28 -36.70
N LYS A 394 6.49 15.16 -36.26
CA LYS A 394 7.28 14.10 -35.65
C LYS A 394 8.30 13.52 -36.63
N ASN A 395 7.82 12.90 -37.71
CA ASN A 395 8.68 12.25 -38.68
C ASN A 395 8.70 12.98 -40.03
N GLY A 396 8.13 14.17 -40.11
CA GLY A 396 8.10 14.91 -41.36
C GLY A 396 9.43 15.57 -41.64
N PRO A 397 9.51 16.19 -42.83
CA PRO A 397 10.73 16.91 -43.20
C PRO A 397 10.98 18.08 -42.27
N LYS A 398 12.27 18.34 -42.00
CA LYS A 398 12.64 19.32 -41.00
C LYS A 398 12.18 20.72 -41.40
N THR A 399 11.67 21.46 -40.42
CA THR A 399 11.22 22.84 -40.60
C THR A 399 12.01 23.74 -39.65
N PRO A 400 12.90 24.60 -40.15
CA PRO A 400 13.73 25.42 -39.27
C PRO A 400 13.17 26.79 -38.94
N ASP A 401 12.09 27.23 -39.59
CA ASP A 401 11.49 28.52 -39.23
C ASP A 401 10.83 28.48 -37.87
N LEU A 402 10.53 27.28 -37.34
CA LEU A 402 9.97 27.17 -36.00
C LEU A 402 11.02 27.43 -34.92
N ASP A 403 12.30 27.26 -35.23
CA ASP A 403 13.36 27.51 -34.27
C ASP A 403 13.71 28.99 -34.13
N LYS A 404 13.20 29.85 -35.00
CA LYS A 404 13.50 31.27 -34.93
C LYS A 404 12.76 31.92 -33.78
N ILE A 405 13.44 32.83 -33.08
CA ILE A 405 12.90 33.47 -31.88
C ILE A 405 12.07 34.67 -32.29
N VAL A 406 10.79 34.66 -31.88
CA VAL A 406 9.86 35.73 -32.19
C VAL A 406 9.25 36.23 -30.88
N LYS A 407 8.69 37.44 -30.94
CA LYS A 407 8.02 38.02 -29.78
C LYS A 407 6.67 37.33 -29.56
N SER A 408 6.38 36.98 -28.32
CA SER A 408 5.19 36.21 -27.99
C SER A 408 4.03 37.13 -27.63
N ASP A 409 2.85 36.77 -28.13
CA ASP A 409 1.61 37.42 -27.74
C ASP A 409 0.87 36.67 -26.65
N TYR A 410 1.36 35.48 -26.27
CA TYR A 410 0.82 34.70 -25.16
C TYR A 410 -0.66 34.38 -25.35
N LYS A 411 -1.05 34.15 -26.61
CA LYS A 411 -2.45 33.84 -26.90
C LYS A 411 -2.87 32.49 -26.32
N VAL A 412 -2.02 31.47 -26.44
CA VAL A 412 -2.32 30.16 -25.85
C VAL A 412 -2.46 30.28 -24.34
N SER A 413 -1.62 31.11 -23.71
CA SER A 413 -1.70 31.29 -22.26
C SER A 413 -3.02 31.94 -21.85
N LYS A 414 -3.49 32.93 -22.61
CA LYS A 414 -4.76 33.56 -22.29
C LYS A 414 -5.93 32.62 -22.55
N ALA A 415 -5.89 31.88 -23.66
CA ALA A 415 -6.99 31.00 -24.01
C ALA A 415 -7.17 29.91 -22.96
N LEU A 416 -6.07 29.37 -22.45
CA LEU A 416 -6.19 28.33 -21.42
C LEU A 416 -6.71 28.89 -20.10
N LYS A 417 -6.39 30.15 -19.79
CA LYS A 417 -6.96 30.77 -18.60
C LYS A 417 -8.47 30.89 -18.72
N LYS A 418 -8.95 31.34 -19.88
CA LYS A 418 -10.39 31.49 -20.08
C LYS A 418 -11.08 30.13 -20.10
N VAL A 419 -10.44 29.12 -20.68
CA VAL A 419 -11.05 27.80 -20.74
C VAL A 419 -11.31 27.25 -19.34
N MET A 420 -10.38 27.49 -18.43
CA MET A 420 -10.57 27.03 -17.05
C MET A 420 -11.58 27.87 -16.29
N GLU A 421 -11.60 29.19 -16.53
CA GLU A 421 -12.58 30.04 -15.86
C GLU A 421 -14.00 29.71 -16.31
N ASN A 422 -14.19 29.55 -17.62
CA ASN A 422 -15.51 29.23 -18.17
C ASN A 422 -15.91 27.79 -17.94
N ASP A 423 -15.00 26.95 -17.44
CA ASP A 423 -15.35 25.58 -17.11
C ASP A 423 -16.42 25.54 -16.04
N LYS A 424 -17.43 24.70 -16.26
CA LYS A 424 -18.55 24.62 -15.32
C LYS A 424 -18.10 24.11 -13.96
N SER A 425 -17.02 23.33 -13.92
CA SER A 425 -16.57 22.74 -12.67
C SER A 425 -16.08 23.77 -11.66
N TYR A 426 -15.85 25.01 -12.09
CA TYR A 426 -15.41 26.07 -11.18
C TYR A 426 -16.51 27.08 -10.89
N GLU A 427 -17.75 26.80 -11.28
CA GLU A 427 -18.86 27.69 -10.96
C GLU A 427 -19.10 27.71 -9.46
N LEU A 428 -19.31 28.92 -8.92
CA LEU A 428 -19.48 29.07 -7.48
C LEU A 428 -20.82 28.50 -7.03
N ILE A 429 -20.84 27.92 -5.85
CA ILE A 429 -22.08 27.38 -5.29
C ILE A 429 -22.94 28.54 -4.80
N ASP A 430 -24.18 28.60 -5.29
CA ASP A 430 -25.08 29.68 -4.91
C ASP A 430 -26.41 29.13 -4.40
N GLN A 431 -27.40 30.01 -4.23
CA GLN A 431 -28.70 29.60 -3.68
C GLN A 431 -29.46 28.66 -4.60
N LYS A 432 -29.10 28.60 -5.89
CA LYS A 432 -29.77 27.68 -6.79
C LYS A 432 -29.50 26.22 -6.43
N ASP A 433 -28.34 25.94 -5.82
CA ASP A 433 -28.00 24.59 -5.39
C ASP A 433 -28.56 24.28 -4.00
N PHE A 434 -28.25 25.13 -3.02
CA PHE A 434 -28.76 24.98 -1.66
C PHE A 434 -29.54 26.24 -1.28
N PRO A 435 -30.88 26.22 -1.39
CA PRO A 435 -31.66 27.42 -1.03
C PRO A 435 -31.51 27.85 0.41
N ASP A 436 -31.30 26.91 1.34
CA ASP A 436 -31.10 27.27 2.74
C ASP A 436 -29.71 27.87 2.91
N LYS A 437 -29.65 29.09 3.47
CA LYS A 437 -28.36 29.76 3.62
C LYS A 437 -27.53 29.13 4.72
N ALA A 438 -28.16 28.60 5.77
CA ALA A 438 -27.40 27.88 6.79
C ALA A 438 -26.81 26.59 6.22
N LEU A 439 -27.48 25.97 5.26
CA LEU A 439 -26.94 24.77 4.62
C LEU A 439 -25.85 25.11 3.63
N ARG A 440 -26.01 26.19 2.86
CA ARG A 440 -25.03 26.55 1.86
C ARG A 440 -23.68 26.88 2.48
N GLU A 441 -23.68 27.64 3.58
CA GLU A 441 -22.42 28.05 4.19
C GLU A 441 -21.65 26.85 4.73
N ALA A 442 -22.36 25.89 5.32
CA ALA A 442 -21.69 24.69 5.83
C ALA A 442 -21.06 23.89 4.70
N VAL A 443 -21.78 23.75 3.58
CA VAL A 443 -21.24 23.02 2.43
C VAL A 443 -20.02 23.73 1.87
N ILE A 444 -20.11 25.04 1.69
CA ILE A 444 -19.00 25.81 1.12
C ILE A 444 -17.77 25.71 2.01
N ALA A 445 -17.96 25.86 3.32
CA ALA A 445 -16.85 25.79 4.26
C ALA A 445 -16.35 24.38 4.51
N GLN A 446 -17.00 23.36 3.95
CA GLN A 446 -16.58 21.98 4.13
C GLN A 446 -16.32 21.22 2.85
N VAL A 447 -17.05 21.51 1.77
CA VAL A 447 -16.89 20.82 0.50
C VAL A 447 -16.02 21.61 -0.47
N GLY A 448 -16.25 22.91 -0.57
CA GLY A 448 -15.53 23.76 -1.50
C GLY A 448 -16.55 24.72 -2.10
N SER A 449 -16.06 25.87 -2.54
CA SER A 449 -16.95 26.91 -3.07
C SER A 449 -17.49 26.57 -4.46
N ARG A 450 -16.93 25.60 -5.15
CA ARG A 450 -17.25 25.34 -6.54
C ARG A 450 -18.22 24.18 -6.69
N ARG A 451 -19.00 24.21 -7.77
CA ARG A 451 -19.94 23.13 -8.04
C ARG A 451 -19.22 21.83 -8.40
N GLY A 452 -18.01 21.93 -8.94
CA GLY A 452 -17.25 20.73 -9.25
C GLY A 452 -16.86 19.92 -8.05
N ASN A 453 -16.83 20.53 -6.86
CA ASN A 453 -16.50 19.79 -5.66
C ASN A 453 -17.66 18.90 -5.22
N LEU A 454 -18.90 19.29 -5.53
CA LEU A 454 -20.04 18.45 -5.20
C LEU A 454 -19.96 17.11 -5.91
N GLU A 455 -19.60 17.12 -7.19
CA GLU A 455 -19.46 15.89 -7.95
C GLU A 455 -18.30 15.04 -7.48
N ARG A 456 -17.36 15.61 -6.72
CA ARG A 456 -16.08 14.97 -6.46
C ARG A 456 -15.66 14.89 -5.00
N PHE A 457 -16.26 15.68 -4.11
CA PHE A 457 -15.84 15.64 -2.71
C PHE A 457 -15.97 14.22 -2.16
N ASN A 458 -14.92 13.78 -1.47
CA ASN A 458 -14.78 12.36 -1.14
C ASN A 458 -14.69 12.14 0.38
N GLY A 459 -15.00 13.15 1.19
CA GLY A 459 -14.81 13.04 2.62
C GLY A 459 -16.09 13.08 3.44
N THR A 460 -16.07 13.83 4.54
CA THR A 460 -17.15 13.85 5.52
C THR A 460 -17.80 15.23 5.56
N LEU A 461 -19.13 15.25 5.54
CA LEU A 461 -19.91 16.47 5.72
C LEU A 461 -20.70 16.37 7.01
N ARG A 462 -20.54 17.37 7.87
CA ARG A 462 -21.19 17.41 9.18
C ARG A 462 -22.09 18.63 9.25
N LEU A 463 -23.39 18.40 9.44
CA LEU A 463 -24.39 19.45 9.50
C LEU A 463 -24.94 19.49 10.93
N ASP A 464 -24.26 20.23 11.80
CA ASP A 464 -24.67 20.37 13.19
C ASP A 464 -25.24 21.74 13.52
N ASN A 465 -25.50 22.56 12.50
CA ASN A 465 -26.12 23.86 12.71
C ASN A 465 -27.64 23.67 12.76
N PRO A 466 -28.26 23.91 13.92
CA PRO A 466 -29.71 23.65 14.04
C PRO A 466 -30.58 24.56 13.18
N ASP A 467 -30.04 25.66 12.66
CA ASP A 467 -30.83 26.62 11.91
C ASP A 467 -31.19 26.12 10.50
N ILE A 468 -30.64 24.99 10.07
CA ILE A 468 -30.93 24.49 8.73
C ILE A 468 -32.39 24.10 8.65
N LYS A 469 -33.13 24.75 7.75
CA LYS A 469 -34.55 24.49 7.56
C LYS A 469 -34.81 23.49 6.45
N SER A 470 -34.06 23.57 5.35
CA SER A 470 -34.30 22.72 4.19
C SER A 470 -33.00 22.05 3.78
N LEU A 471 -33.04 20.72 3.64
CA LEU A 471 -31.94 19.95 3.10
C LEU A 471 -31.98 19.86 1.58
N GLU A 472 -32.71 20.76 0.93
CA GLU A 472 -32.87 20.71 -0.52
C GLU A 472 -31.53 20.90 -1.20
N GLY A 473 -31.11 19.90 -1.97
CA GLY A 473 -29.88 19.98 -2.73
C GLY A 473 -28.82 18.98 -2.35
N LEU A 474 -29.04 18.17 -1.31
CA LEU A 474 -28.01 17.19 -0.95
C LEU A 474 -27.89 16.05 -1.94
N ASN A 475 -28.84 15.91 -2.88
CA ASN A 475 -28.64 14.92 -3.93
C ASN A 475 -27.61 15.36 -4.97
N LYS A 476 -27.20 16.63 -4.96
CA LYS A 476 -26.10 17.06 -5.81
C LYS A 476 -24.77 16.52 -5.33
N LEU A 477 -24.67 16.10 -4.06
CA LEU A 477 -23.48 15.42 -3.57
C LEU A 477 -23.44 14.01 -4.14
N LYS A 478 -22.36 13.69 -4.86
CA LYS A 478 -22.28 12.45 -5.61
C LYS A 478 -21.32 11.42 -5.02
N LYS A 479 -20.19 11.85 -4.47
CA LYS A 479 -19.18 10.93 -3.97
C LYS A 479 -18.83 11.19 -2.51
N LEU A 480 -19.78 11.75 -1.76
CA LEU A 480 -19.55 11.98 -0.34
C LEU A 480 -19.36 10.66 0.40
N ALA A 481 -18.47 10.66 1.39
CA ALA A 481 -18.14 9.44 2.11
C ALA A 481 -18.89 9.28 3.42
N LYS A 482 -19.19 10.38 4.12
CA LYS A 482 -19.91 10.30 5.39
C LYS A 482 -20.82 11.51 5.50
N LEU A 483 -22.08 11.27 5.85
CA LEU A 483 -23.05 12.32 6.11
C LEU A 483 -23.49 12.23 7.56
N GLU A 484 -23.40 13.35 8.28
CA GLU A 484 -23.74 13.42 9.69
C GLU A 484 -24.76 14.53 9.89
N LEU A 485 -25.99 14.16 10.25
CA LEU A 485 -27.04 15.12 10.58
C LEU A 485 -27.18 15.14 12.10
N ILE A 486 -26.74 16.23 12.72
CA ILE A 486 -26.66 16.33 14.17
C ILE A 486 -27.56 17.47 14.63
N GLY A 487 -28.57 17.13 15.43
CA GLY A 487 -29.40 18.14 16.06
C GLY A 487 -30.18 19.01 15.11
N LEU A 488 -30.60 18.47 13.96
CA LEU A 488 -31.41 19.22 13.01
C LEU A 488 -32.87 19.08 13.43
N SER A 489 -33.32 20.01 14.27
CA SER A 489 -34.67 19.92 14.81
C SER A 489 -35.72 20.22 13.75
N GLN A 490 -35.42 21.12 12.82
CA GLN A 490 -36.40 21.64 11.88
C GLN A 490 -36.59 20.78 10.64
N ILE A 491 -35.85 19.68 10.53
CA ILE A 491 -36.02 18.73 9.43
C ILE A 491 -37.11 17.73 9.82
N THR A 492 -38.07 17.52 8.91
CA THR A 492 -39.22 16.66 9.19
C THR A 492 -39.36 15.48 8.24
N LYS A 493 -38.52 15.38 7.23
CA LYS A 493 -38.63 14.29 6.25
C LYS A 493 -37.25 14.00 5.67
N LEU A 494 -36.99 12.72 5.44
CA LEU A 494 -35.71 12.28 4.86
C LEU A 494 -35.99 11.18 3.85
N ASP A 495 -35.78 11.48 2.57
CA ASP A 495 -35.95 10.52 1.49
C ASP A 495 -34.82 10.72 0.48
N SER A 496 -34.97 10.11 -0.70
CA SER A 496 -33.90 10.17 -1.70
C SER A 496 -33.65 11.60 -2.20
N SER A 497 -34.67 12.45 -2.20
CA SER A 497 -34.53 13.78 -2.74
C SER A 497 -33.76 14.73 -1.82
N VAL A 498 -33.53 14.36 -0.56
CA VAL A 498 -32.80 15.22 0.36
C VAL A 498 -31.62 14.46 0.94
N LEU A 499 -31.14 13.45 0.21
CA LEU A 499 -29.97 12.69 0.62
C LEU A 499 -29.00 12.59 -0.54
N PRO A 500 -27.71 12.40 -0.25
CA PRO A 500 -26.73 12.24 -1.33
C PRO A 500 -27.10 11.07 -2.23
N GLU A 501 -26.88 11.26 -3.54
CA GLU A 501 -27.28 10.25 -4.52
C GLU A 501 -26.51 8.94 -4.34
N ASN A 502 -25.36 8.97 -3.67
CA ASN A 502 -24.65 7.74 -3.33
C ASN A 502 -25.10 7.15 -2.00
N ILE A 503 -26.30 7.52 -1.53
CA ILE A 503 -26.93 6.77 -0.46
C ILE A 503 -27.22 5.36 -0.91
N LYS A 504 -27.48 5.18 -2.21
CA LYS A 504 -27.67 3.92 -2.90
C LYS A 504 -26.43 3.58 -3.71
N PRO A 505 -26.25 2.31 -4.08
CA PRO A 505 -25.14 1.96 -4.97
C PRO A 505 -25.24 2.72 -6.29
N THR A 506 -24.18 3.46 -6.61
CA THR A 506 -24.09 4.23 -7.84
C THR A 506 -22.73 4.00 -8.47
N LYS A 507 -22.61 4.39 -9.73
CA LYS A 507 -21.35 4.29 -10.46
C LYS A 507 -20.88 5.68 -10.87
N ASP A 508 -19.60 5.77 -11.20
CA ASP A 508 -19.03 7.04 -11.62
C ASP A 508 -19.63 7.48 -12.95
N THR A 509 -20.11 8.72 -13.00
CA THR A 509 -20.66 9.28 -14.22
C THR A 509 -19.71 10.24 -14.91
N LEU A 510 -18.60 10.59 -14.27
CA LEU A 510 -17.67 11.55 -14.85
C LEU A 510 -16.87 10.89 -15.97
N VAL A 511 -16.70 11.61 -17.07
CA VAL A 511 -15.91 11.15 -18.21
C VAL A 511 -14.60 11.92 -18.25
N SER A 512 -13.51 11.19 -18.47
CA SER A 512 -12.20 11.80 -18.63
C SER A 512 -12.10 12.47 -20.01
N VAL A 513 -11.23 13.47 -20.10
CA VAL A 513 -10.94 14.13 -21.37
C VAL A 513 -9.59 13.74 -21.93
N LEU A 514 -8.76 13.02 -21.18
CA LEU A 514 -7.45 12.63 -21.64
C LEU A 514 -7.56 11.45 -22.62
N GLU A 515 -6.54 11.32 -23.46
CA GLU A 515 -6.43 10.14 -24.30
C GLU A 515 -5.95 8.95 -23.49
N THR A 516 -6.30 7.76 -23.96
CA THR A 516 -5.87 6.51 -23.34
C THR A 516 -4.96 5.78 -24.31
N TYR A 517 -4.57 4.57 -23.94
CA TYR A 517 -3.67 3.78 -24.77
C TYR A 517 -4.48 2.98 -25.78
N LYS A 518 -4.24 3.27 -27.07
CA LYS A 518 -4.82 2.49 -28.15
C LYS A 518 -4.25 1.09 -28.23
N ASN A 519 -3.20 0.80 -27.46
CA ASN A 519 -2.59 -0.53 -27.40
C ASN A 519 -3.18 -1.38 -26.27
N ASP A 520 -4.20 -0.89 -25.58
CA ASP A 520 -4.98 -1.66 -24.64
C ASP A 520 -6.30 -2.07 -25.30
N ASP A 521 -7.18 -2.67 -24.52
CA ASP A 521 -8.49 -3.07 -25.02
C ASP A 521 -9.42 -1.84 -25.05
N ARG A 522 -10.72 -2.09 -25.20
CA ARG A 522 -11.70 -1.00 -25.18
C ARG A 522 -11.60 -0.21 -23.88
N LYS A 523 -12.21 0.98 -23.90
CA LYS A 523 -12.09 1.90 -22.78
C LYS A 523 -12.72 1.32 -21.52
N GLU A 524 -12.37 1.91 -20.38
CA GLU A 524 -12.74 1.37 -19.09
C GLU A 524 -14.25 1.48 -18.84
N GLU A 525 -14.74 0.69 -17.90
CA GLU A 525 -16.12 0.72 -17.48
C GLU A 525 -16.26 1.50 -16.17
N ALA A 526 -17.49 1.87 -15.86
CA ALA A 526 -17.75 2.77 -14.73
C ALA A 526 -17.31 2.15 -13.41
N LYS A 527 -16.56 2.93 -12.63
CA LYS A 527 -16.08 2.47 -11.34
C LYS A 527 -17.16 2.69 -10.28
N ALA A 528 -17.40 1.67 -9.46
CA ALA A 528 -18.46 1.74 -8.46
C ALA A 528 -18.10 2.74 -7.36
N ILE A 529 -19.05 3.63 -7.05
CA ILE A 529 -18.85 4.64 -6.01
C ILE A 529 -19.27 4.04 -4.68
N PRO A 530 -18.40 4.05 -3.66
CA PRO A 530 -18.80 3.55 -2.35
C PRO A 530 -19.92 4.39 -1.75
N GLN A 531 -20.77 3.74 -0.96
CA GLN A 531 -21.96 4.39 -0.45
C GLN A 531 -21.64 5.25 0.77
N VAL A 532 -22.32 6.39 0.87
CA VAL A 532 -22.06 7.35 1.93
C VAL A 532 -22.58 6.82 3.26
N ALA A 533 -21.81 7.02 4.32
CA ALA A 533 -22.24 6.63 5.66
C ALA A 533 -23.19 7.68 6.21
N LEU A 534 -24.35 7.23 6.68
CA LEU A 534 -25.41 8.09 7.18
C LEU A 534 -25.45 8.02 8.71
N THR A 535 -25.37 9.19 9.35
CA THR A 535 -25.44 9.28 10.82
C THR A 535 -26.51 10.29 11.17
N ILE A 536 -27.60 9.82 11.77
CA ILE A 536 -28.71 10.67 12.21
C ILE A 536 -28.75 10.64 13.73
N SER A 537 -28.77 11.83 14.34
CA SER A 537 -28.80 11.95 15.80
C SER A 537 -29.26 13.36 16.14
N GLY A 538 -30.23 13.45 17.05
CA GLY A 538 -30.72 14.74 17.50
C GLY A 538 -31.80 15.35 16.65
N LEU A 539 -32.24 14.70 15.58
CA LEU A 539 -33.31 15.20 14.72
C LEU A 539 -34.65 14.98 15.42
N THR A 540 -34.93 15.87 16.37
CA THR A 540 -36.14 15.72 17.18
C THR A 540 -37.40 15.86 16.35
N GLY A 541 -37.42 16.82 15.43
CA GLY A 541 -38.60 17.10 14.64
C GLY A 541 -38.84 16.19 13.45
N LEU A 542 -37.96 15.21 13.22
CA LEU A 542 -38.10 14.32 12.08
C LEU A 542 -39.37 13.48 12.21
N LYS A 543 -40.24 13.54 11.21
CA LYS A 543 -41.50 12.80 11.22
C LYS A 543 -41.47 11.57 10.31
N GLU A 544 -40.84 11.67 9.15
CA GLU A 544 -40.76 10.56 8.21
C GLU A 544 -39.30 10.23 7.91
N LEU A 545 -39.01 8.94 7.79
CA LEU A 545 -37.66 8.45 7.51
C LEU A 545 -37.78 7.37 6.44
N ASN A 546 -37.65 7.77 5.18
CA ASN A 546 -37.78 6.88 4.04
C ASN A 546 -36.40 6.55 3.50
N LEU A 547 -36.00 5.27 3.59
CA LEU A 547 -34.70 4.81 3.12
C LEU A 547 -34.82 3.56 2.26
N ALA A 548 -35.98 3.37 1.64
CA ALA A 548 -36.26 2.12 0.94
C ALA A 548 -35.48 2.03 -0.37
N GLY A 549 -35.04 0.81 -0.69
CA GLY A 549 -34.37 0.56 -1.96
C GLY A 549 -32.97 1.12 -2.06
N PHE A 550 -32.29 1.33 -0.94
CA PHE A 550 -30.96 1.93 -0.94
C PHE A 550 -29.84 0.93 -0.70
N ASP A 551 -30.17 -0.33 -0.38
CA ASP A 551 -29.17 -1.35 -0.06
C ASP A 551 -28.24 -0.89 1.06
N ARG A 552 -28.82 -0.19 2.04
CA ARG A 552 -28.05 0.17 3.23
C ARG A 552 -27.54 -1.09 3.91
N ASP A 553 -26.25 -1.11 4.22
CA ASP A 553 -25.62 -2.33 4.69
C ASP A 553 -25.99 -2.61 6.15
N SER A 554 -26.16 -1.56 6.96
CA SER A 554 -26.67 -1.70 8.31
C SER A 554 -27.30 -0.37 8.72
N LEU A 555 -27.93 -0.37 9.89
CA LEU A 555 -28.60 0.82 10.41
C LEU A 555 -27.73 1.60 11.37
N ALA A 556 -26.42 1.33 11.40
CA ALA A 556 -25.53 1.95 12.37
C ALA A 556 -25.48 3.47 12.15
N GLY A 557 -25.24 4.19 13.24
CA GLY A 557 -25.17 5.63 13.21
C GLY A 557 -26.50 6.35 13.41
N ILE A 558 -27.61 5.62 13.41
CA ILE A 558 -28.92 6.20 13.63
C ILE A 558 -29.22 6.15 15.12
N ASP A 559 -29.35 7.32 15.75
CA ASP A 559 -29.67 7.41 17.17
C ASP A 559 -31.18 7.47 17.30
N ALA A 560 -31.81 6.30 17.21
CA ALA A 560 -33.27 6.22 17.21
C ALA A 560 -33.87 6.73 18.51
N ALA A 561 -33.11 6.73 19.60
CA ALA A 561 -33.64 7.21 20.87
C ALA A 561 -33.94 8.70 20.86
N SER A 562 -33.33 9.46 19.95
CA SER A 562 -33.53 10.91 19.87
C SER A 562 -34.48 11.31 18.75
N LEU A 563 -34.95 10.37 17.94
CA LEU A 563 -35.88 10.65 16.85
C LEU A 563 -37.30 10.45 17.39
N THR A 564 -37.78 11.48 18.11
CA THR A 564 -38.97 11.37 18.93
C THR A 564 -40.26 11.64 18.17
N SER A 565 -40.23 12.48 17.13
CA SER A 565 -41.44 12.88 16.44
C SER A 565 -41.73 12.04 15.20
N LEU A 566 -41.08 10.89 15.05
CA LEU A 566 -41.29 10.06 13.87
C LEU A 566 -42.70 9.50 13.84
N GLU A 567 -43.29 9.49 12.65
CA GLU A 567 -44.62 8.90 12.45
C GLU A 567 -44.61 7.76 11.45
N LYS A 568 -44.01 7.96 10.28
CA LYS A 568 -43.94 6.93 9.25
C LYS A 568 -42.48 6.65 8.91
N VAL A 569 -42.15 5.37 8.77
CA VAL A 569 -40.78 4.93 8.50
C VAL A 569 -40.79 3.79 7.50
N ASP A 570 -39.89 3.84 6.52
CA ASP A 570 -39.71 2.77 5.55
C ASP A 570 -38.24 2.37 5.51
N LEU A 571 -37.98 1.07 5.60
CA LEU A 571 -36.62 0.54 5.54
C LEU A 571 -36.53 -0.69 4.65
N SER A 572 -37.41 -0.81 3.67
CA SER A 572 -37.51 -2.01 2.86
C SER A 572 -36.41 -2.06 1.79
N SER A 573 -36.24 -3.26 1.23
CA SER A 573 -35.27 -3.51 0.15
C SER A 573 -33.86 -3.10 0.54
N ASN A 574 -33.47 -3.46 1.76
CA ASN A 574 -32.13 -3.18 2.28
C ASN A 574 -31.43 -4.50 2.62
N LYS A 575 -30.28 -4.39 3.28
CA LYS A 575 -29.47 -5.56 3.61
C LYS A 575 -29.33 -5.68 5.12
N LEU A 576 -30.44 -5.55 5.82
CA LEU A 576 -30.44 -5.38 7.27
C LEU A 576 -30.68 -6.72 7.95
N ASP A 577 -29.82 -7.08 8.89
CA ASP A 577 -30.03 -8.31 9.65
C ASP A 577 -30.87 -7.96 10.89
N LEU A 578 -32.13 -7.65 10.65
CA LEU A 578 -32.98 -7.23 11.77
C LEU A 578 -33.39 -8.47 12.55
N ALA A 579 -32.53 -8.94 13.45
CA ALA A 579 -32.84 -10.19 14.16
C ALA A 579 -32.24 -10.18 15.56
N ALA A 580 -32.60 -11.18 16.38
CA ALA A 580 -32.02 -11.33 17.72
C ALA A 580 -31.88 -9.99 18.44
N GLY A 581 -30.71 -9.75 19.02
CA GLY A 581 -30.46 -8.49 19.73
C GLY A 581 -29.48 -7.67 18.93
N THR A 582 -29.59 -7.76 17.61
CA THR A 582 -28.62 -7.08 16.73
C THR A 582 -28.78 -5.58 16.86
N GLU A 583 -27.74 -4.82 16.53
CA GLU A 583 -27.76 -3.36 16.61
C GLU A 583 -28.93 -2.80 15.81
N ASN A 584 -28.94 -3.03 14.51
CA ASN A 584 -30.16 -2.94 13.74
C ASN A 584 -30.93 -4.19 14.18
N ARG A 585 -32.22 -3.99 14.51
CA ARG A 585 -33.16 -4.71 15.42
C ARG A 585 -33.39 -4.08 16.87
N GLN A 586 -32.31 -3.49 17.36
CA GLN A 586 -32.49 -2.53 18.43
C GLN A 586 -32.85 -1.09 18.13
N ILE A 587 -32.28 -0.58 17.04
CA ILE A 587 -32.75 0.65 16.44
C ILE A 587 -34.14 0.41 15.87
N LEU A 588 -34.36 -0.76 15.27
CA LEU A 588 -35.62 -0.98 14.60
C LEU A 588 -36.75 -0.91 15.61
N ASP A 589 -36.51 -1.52 16.78
CA ASP A 589 -37.47 -1.69 17.84
C ASP A 589 -37.64 -0.43 18.68
N THR A 590 -36.57 0.34 18.87
CA THR A 590 -36.71 1.66 19.48
C THR A 590 -37.56 2.57 18.60
N MET A 591 -37.75 2.19 17.34
CA MET A 591 -38.43 3.03 16.37
C MET A 591 -39.88 2.62 16.16
N LEU A 592 -40.22 1.35 16.38
CA LEU A 592 -41.62 0.98 16.59
C LEU A 592 -42.20 1.66 17.82
N ALA A 593 -41.37 1.98 18.80
CA ALA A 593 -41.87 2.65 20.00
C ALA A 593 -42.43 4.02 19.66
N THR A 594 -41.58 4.87 19.06
CA THR A 594 -41.98 6.26 18.78
C THR A 594 -43.08 6.34 17.74
N VAL A 595 -43.57 5.20 17.26
CA VAL A 595 -44.76 5.21 16.37
C VAL A 595 -45.72 4.18 16.95
N THR A 596 -45.62 3.99 18.26
CA THR A 596 -46.69 3.38 19.09
C THR A 596 -47.03 4.44 20.14
N LYS A 597 -46.05 5.08 20.77
CA LYS A 597 -46.38 6.23 21.67
C LYS A 597 -47.25 7.05 20.75
N HIS A 598 -46.78 7.21 19.52
CA HIS A 598 -47.61 7.78 18.47
C HIS A 598 -48.50 6.65 17.94
N GLY A 599 -49.77 6.67 18.33
CA GLY A 599 -50.66 5.55 18.10
C GLY A 599 -50.85 5.20 16.64
N GLY A 600 -50.44 6.08 15.73
CA GLY A 600 -50.52 5.80 14.32
C GLY A 600 -49.55 4.71 13.90
N VAL A 601 -50.09 3.52 13.66
CA VAL A 601 -49.32 2.43 13.06
C VAL A 601 -50.25 1.57 12.20
N SER A 602 -49.89 1.42 10.93
CA SER A 602 -50.65 0.56 10.03
C SER A 602 -49.60 -0.28 9.31
N GLU A 603 -50.03 -1.09 8.35
CA GLU A 603 -49.08 -1.83 7.53
C GLU A 603 -48.50 -0.97 6.40
N LYS A 604 -48.76 0.33 6.49
CA LYS A 604 -48.40 1.32 5.49
C LYS A 604 -47.34 2.22 6.08
N THR A 605 -47.32 2.31 7.42
CA THR A 605 -46.55 3.31 8.15
C THR A 605 -45.21 2.81 8.62
N PHE A 606 -45.01 1.49 8.63
CA PHE A 606 -43.75 0.94 9.11
C PHE A 606 -43.45 -0.31 8.27
N VAL A 607 -42.70 -0.11 7.19
CA VAL A 607 -42.40 -1.18 6.24
C VAL A 607 -40.91 -1.48 6.32
N PHE A 608 -40.57 -2.76 6.54
CA PHE A 608 -39.17 -3.16 6.57
C PHE A 608 -38.91 -4.50 5.90
N ASP A 609 -39.77 -4.93 4.96
CA ASP A 609 -39.67 -6.27 4.38
C ASP A 609 -38.68 -6.29 3.21
N HIS A 610 -38.56 -7.46 2.57
CA HIS A 610 -37.69 -7.66 1.41
C HIS A 610 -36.23 -7.32 1.74
N GLN A 611 -35.75 -7.86 2.85
CA GLN A 611 -34.37 -7.64 3.27
C GLN A 611 -33.46 -8.71 2.70
N LYS A 612 -32.32 -8.28 2.17
CA LYS A 612 -31.32 -9.17 1.58
C LYS A 612 -29.98 -8.94 2.24
N PRO A 613 -29.80 -9.39 3.48
CA PRO A 613 -28.51 -9.21 4.15
C PRO A 613 -27.41 -10.00 3.45
N THR A 614 -26.27 -9.35 3.25
CA THR A 614 -25.14 -10.00 2.61
C THR A 614 -24.44 -10.96 3.57
N GLY A 615 -24.07 -12.13 3.05
CA GLY A 615 -23.40 -13.12 3.87
C GLY A 615 -21.90 -12.98 3.77
N LEU A 616 -21.24 -13.03 4.93
CA LEU A 616 -19.80 -12.85 5.02
C LEU A 616 -19.15 -14.09 5.62
N TYR A 617 -17.87 -14.27 5.30
CA TYR A 617 -17.11 -15.34 5.91
C TYR A 617 -16.92 -15.07 7.40
N PRO A 618 -17.11 -16.07 8.25
CA PRO A 618 -16.90 -15.86 9.69
C PRO A 618 -15.48 -15.44 10.00
N ASP A 619 -15.35 -14.51 10.95
CA ASP A 619 -14.02 -14.02 11.32
C ASP A 619 -13.20 -15.11 12.02
N THR A 620 -13.83 -15.84 12.94
CA THR A 620 -13.22 -16.98 13.61
C THR A 620 -14.14 -18.18 13.51
N TYR A 621 -13.56 -19.37 13.68
CA TYR A 621 -14.28 -20.62 13.54
C TYR A 621 -14.29 -21.38 14.86
N GLY A 622 -15.31 -22.22 15.04
CA GLY A 622 -15.62 -22.71 16.37
C GLY A 622 -14.67 -23.79 16.85
N THR A 623 -14.50 -24.84 16.05
CA THR A 623 -13.82 -26.05 16.49
C THR A 623 -12.31 -25.83 16.40
N LYS A 624 -11.65 -25.77 17.56
CA LYS A 624 -10.21 -25.61 17.67
C LYS A 624 -9.46 -26.90 17.96
N SER A 625 -10.10 -27.87 18.60
CA SER A 625 -9.46 -29.14 18.94
C SER A 625 -10.42 -30.29 18.72
N LEU A 626 -9.86 -31.46 18.41
CA LEU A 626 -10.67 -32.66 18.21
C LEU A 626 -9.87 -33.86 18.68
N GLN A 627 -10.39 -34.57 19.69
CA GLN A 627 -9.81 -35.81 20.17
C GLN A 627 -10.59 -36.97 19.55
N LEU A 628 -9.92 -37.78 18.74
CA LEU A 628 -10.58 -38.86 18.04
C LEU A 628 -9.94 -40.20 18.39
N PRO A 629 -10.73 -41.26 18.42
CA PRO A 629 -10.17 -42.60 18.66
C PRO A 629 -9.53 -43.16 17.39
N VAL A 630 -8.65 -44.14 17.60
CA VAL A 630 -8.01 -44.83 16.50
C VAL A 630 -8.95 -45.89 15.95
N ALA A 631 -9.30 -45.78 14.68
CA ALA A 631 -10.19 -46.71 14.02
C ALA A 631 -10.07 -46.50 12.51
N ASN A 632 -10.25 -47.59 11.76
CA ASN A 632 -10.07 -47.56 10.30
C ASN A 632 -11.29 -46.87 9.67
N ASP A 633 -11.27 -45.53 9.70
CA ASP A 633 -12.36 -44.74 9.15
C ASP A 633 -11.84 -43.35 8.81
N THR A 634 -12.11 -42.92 7.59
CA THR A 634 -11.75 -41.57 7.17
C THR A 634 -12.79 -40.57 7.65
N ILE A 635 -12.35 -39.32 7.84
CA ILE A 635 -13.24 -38.22 8.19
C ILE A 635 -12.96 -37.04 7.29
N ASP A 636 -13.98 -36.23 7.05
CA ASP A 636 -13.86 -35.02 6.23
C ASP A 636 -13.42 -33.88 7.13
N LEU A 637 -12.19 -33.39 6.92
CA LEU A 637 -11.66 -32.35 7.80
C LEU A 637 -12.32 -31.01 7.54
N GLN A 638 -12.50 -30.65 6.27
CA GLN A 638 -13.12 -29.36 5.95
C GLN A 638 -14.58 -29.33 6.41
N ALA A 639 -15.29 -30.46 6.28
CA ALA A 639 -16.69 -30.49 6.66
C ALA A 639 -16.88 -30.28 8.16
N LYS A 640 -15.98 -30.85 8.97
CA LYS A 640 -16.12 -30.79 10.42
C LYS A 640 -15.46 -29.57 11.06
N LEU A 641 -14.65 -28.83 10.33
CA LEU A 641 -13.88 -27.74 10.91
C LEU A 641 -14.15 -26.38 10.30
N LEU A 642 -14.33 -26.30 8.98
CA LEU A 642 -14.43 -25.03 8.27
C LEU A 642 -15.76 -24.96 7.54
N PHE A 643 -16.73 -24.24 8.12
CA PHE A 643 -18.02 -24.03 7.49
C PHE A 643 -18.73 -22.87 8.16
N GLY A 644 -19.73 -22.33 7.47
CA GLY A 644 -20.59 -21.31 8.04
C GLY A 644 -20.57 -19.97 7.34
N THR A 645 -21.65 -19.21 7.48
CA THR A 645 -21.76 -17.85 6.95
C THR A 645 -22.23 -16.93 8.06
N VAL A 646 -21.71 -15.71 8.08
CA VAL A 646 -21.95 -14.77 9.17
C VAL A 646 -22.37 -13.43 8.59
N THR A 647 -23.46 -12.87 9.12
CA THR A 647 -23.91 -11.55 8.69
C THR A 647 -23.13 -10.46 9.41
N ASN A 648 -23.25 -9.22 8.91
CA ASN A 648 -22.54 -8.09 9.47
C ASN A 648 -23.04 -7.70 10.86
N GLN A 649 -24.00 -8.43 11.42
CA GLN A 649 -24.50 -8.14 12.76
C GLN A 649 -24.21 -9.25 13.77
N GLY A 650 -23.84 -10.44 13.32
CA GLY A 650 -23.43 -11.49 14.24
C GLY A 650 -24.09 -12.83 14.02
N THR A 651 -25.19 -12.86 13.26
CA THR A 651 -25.92 -14.10 13.06
C THR A 651 -25.05 -15.13 12.33
N LEU A 652 -25.06 -16.36 12.82
CA LEU A 652 -24.29 -17.46 12.25
C LEU A 652 -25.24 -18.48 11.65
N ILE A 653 -25.06 -18.78 10.36
CA ILE A 653 -25.88 -19.75 9.65
C ILE A 653 -24.95 -20.83 9.09
N ASN A 654 -25.24 -22.08 9.41
CA ASN A 654 -24.36 -23.20 9.05
C ASN A 654 -24.92 -24.11 7.97
N SER A 655 -26.23 -24.34 7.96
CA SER A 655 -26.85 -25.27 7.03
C SER A 655 -28.03 -24.62 6.35
N GLU A 656 -28.53 -25.28 5.30
CA GLU A 656 -29.70 -24.80 4.59
C GLU A 656 -30.91 -24.71 5.52
N ALA A 657 -30.92 -25.50 6.59
CA ALA A 657 -32.00 -25.44 7.58
C ALA A 657 -31.86 -24.21 8.48
N ASP A 658 -30.63 -23.86 8.86
CA ASP A 658 -30.43 -22.69 9.71
C ASP A 658 -30.91 -21.43 9.02
N TYR A 659 -30.71 -21.33 7.71
CA TYR A 659 -31.20 -20.18 6.95
C TYR A 659 -32.71 -20.22 6.80
N LYS A 660 -33.29 -21.42 6.70
CA LYS A 660 -34.75 -21.53 6.61
C LYS A 660 -35.40 -21.12 7.91
N ALA A 661 -34.79 -21.45 9.05
CA ALA A 661 -35.27 -20.95 10.33
C ALA A 661 -34.99 -19.45 10.49
N TYR A 662 -33.93 -18.96 9.86
CA TYR A 662 -33.64 -17.53 9.86
C TYR A 662 -34.54 -16.77 8.90
N GLN A 663 -34.88 -17.39 7.77
CA GLN A 663 -35.63 -16.70 6.72
C GLN A 663 -37.04 -16.35 7.19
N GLU A 664 -37.74 -17.31 7.80
CA GLU A 664 -39.11 -17.07 8.27
C GLU A 664 -39.09 -16.62 9.74
N GLN A 665 -38.39 -15.51 9.96
CA GLN A 665 -38.33 -14.86 11.27
C GLN A 665 -39.10 -13.56 11.18
N GLU A 666 -40.08 -13.38 12.07
CA GLU A 666 -41.01 -12.26 11.98
C GLU A 666 -40.68 -11.17 12.99
N ILE A 667 -41.01 -9.94 12.62
CA ILE A 667 -40.95 -8.78 13.49
C ILE A 667 -42.32 -8.10 13.45
N ALA A 668 -42.95 -7.99 14.62
CA ALA A 668 -44.31 -7.46 14.72
C ALA A 668 -45.26 -8.22 13.80
N GLY A 669 -45.14 -9.55 13.83
CA GLY A 669 -46.00 -10.40 13.03
C GLY A 669 -45.83 -10.23 11.54
N HIS A 670 -44.59 -10.06 11.08
CA HIS A 670 -44.32 -9.86 9.66
C HIS A 670 -42.87 -10.24 9.38
N ARG A 671 -42.67 -11.06 8.35
CA ARG A 671 -41.32 -11.41 7.93
C ARG A 671 -40.63 -10.19 7.33
N PHE A 672 -39.30 -10.25 7.28
CA PHE A 672 -38.53 -9.14 6.71
C PHE A 672 -37.56 -9.61 5.64
N VAL A 673 -37.04 -10.83 5.77
CA VAL A 673 -36.15 -11.38 4.76
C VAL A 673 -36.92 -11.68 3.48
N ASP A 674 -36.32 -11.36 2.35
CA ASP A 674 -36.96 -11.57 1.06
C ASP A 674 -37.18 -13.05 0.79
N SER A 675 -38.30 -13.37 0.14
CA SER A 675 -38.56 -14.75 -0.27
C SER A 675 -37.61 -15.20 -1.37
N SER A 676 -37.38 -14.32 -2.37
CA SER A 676 -36.52 -14.66 -3.50
C SER A 676 -35.08 -14.93 -3.10
N TYR A 677 -34.65 -14.41 -1.95
CA TYR A 677 -33.25 -14.47 -1.53
C TYR A 677 -33.05 -15.79 -0.80
N ASP A 678 -32.56 -16.80 -1.52
CA ASP A 678 -32.48 -18.17 -1.02
C ASP A 678 -31.10 -18.46 -0.43
N TYR A 679 -30.92 -19.71 0.01
CA TYR A 679 -29.67 -20.10 0.64
C TYR A 679 -28.50 -20.06 -0.34
N LYS A 680 -28.72 -20.46 -1.58
CA LYS A 680 -27.66 -20.43 -2.58
C LYS A 680 -27.10 -19.03 -2.77
N ALA A 681 -27.94 -18.00 -2.63
CA ALA A 681 -27.53 -16.63 -2.87
C ALA A 681 -26.98 -15.94 -1.63
N PHE A 682 -27.10 -16.55 -0.46
CA PHE A 682 -26.66 -15.93 0.79
C PHE A 682 -25.39 -16.55 1.34
N ALA A 683 -25.37 -17.87 1.51
CA ALA A 683 -24.22 -18.53 2.12
C ALA A 683 -22.98 -18.41 1.24
N VAL A 684 -21.83 -18.30 1.88
CA VAL A 684 -20.56 -18.29 1.16
C VAL A 684 -20.15 -19.72 0.84
N THR A 685 -19.25 -19.86 -0.13
CA THR A 685 -18.81 -21.16 -0.62
C THR A 685 -17.32 -21.35 -0.37
N TYR A 686 -16.93 -22.60 -0.17
CA TYR A 686 -15.55 -22.98 0.11
C TYR A 686 -14.99 -23.87 -0.98
N LYS A 687 -15.35 -23.57 -2.24
CA LYS A 687 -14.89 -24.38 -3.35
C LYS A 687 -13.39 -24.23 -3.59
N ASP A 688 -12.89 -23.00 -3.57
CA ASP A 688 -11.49 -22.71 -3.87
C ASP A 688 -10.62 -22.61 -2.63
N TYR A 689 -11.06 -23.20 -1.51
CA TYR A 689 -10.28 -23.18 -0.28
C TYR A 689 -9.33 -24.37 -0.23
N LYS A 690 -8.20 -24.18 0.46
CA LYS A 690 -7.13 -25.17 0.51
C LYS A 690 -6.81 -25.55 1.94
N ILE A 691 -6.38 -26.80 2.14
CA ILE A 691 -6.11 -27.36 3.45
C ILE A 691 -4.67 -27.87 3.49
N LYS A 692 -4.01 -27.66 4.63
CA LYS A 692 -2.66 -28.16 4.86
C LYS A 692 -2.62 -28.88 6.20
N VAL A 693 -2.32 -30.17 6.17
CA VAL A 693 -2.33 -31.01 7.37
C VAL A 693 -0.90 -31.47 7.64
N THR A 694 -0.37 -31.07 8.80
CA THR A 694 0.99 -31.38 9.21
C THR A 694 0.96 -32.23 10.46
N ASP A 695 1.64 -33.38 10.44
CA ASP A 695 1.67 -34.25 11.60
C ASP A 695 2.89 -33.95 12.47
N SER A 696 3.07 -34.76 13.52
CA SER A 696 4.13 -34.51 14.49
C SER A 696 5.53 -34.68 13.90
N THR A 697 5.66 -35.40 12.79
CA THR A 697 6.94 -35.55 12.10
C THR A 697 7.11 -34.55 10.97
N LEU A 698 6.36 -33.45 11.00
CA LEU A 698 6.39 -32.40 9.97
C LEU A 698 6.02 -32.92 8.59
N GLY A 699 5.38 -34.09 8.52
CA GLY A 699 4.86 -34.58 7.26
C GLY A 699 3.61 -33.82 6.84
N VAL A 700 3.64 -33.24 5.64
CA VAL A 700 2.60 -32.33 5.18
C VAL A 700 1.78 -33.01 4.10
N THR A 701 0.45 -32.96 4.24
CA THR A 701 -0.47 -33.45 3.24
C THR A 701 -1.53 -32.40 2.98
N ASP A 702 -2.14 -32.48 1.79
CA ASP A 702 -3.11 -31.48 1.34
C ASP A 702 -4.49 -32.06 1.08
N HIS A 703 -4.73 -33.33 1.41
CA HIS A 703 -6.00 -33.96 1.12
C HIS A 703 -7.05 -33.60 2.16
N LYS A 704 -8.31 -33.57 1.72
CA LYS A 704 -9.41 -33.20 2.61
C LYS A 704 -9.70 -34.32 3.60
N ASP A 705 -9.78 -35.56 3.13
CA ASP A 705 -10.07 -36.69 4.00
C ASP A 705 -8.88 -36.98 4.90
N LEU A 706 -9.13 -37.75 5.95
CA LEU A 706 -8.10 -38.07 6.93
C LEU A 706 -8.40 -39.43 7.55
N SER A 707 -7.52 -40.40 7.33
CA SER A 707 -7.70 -41.74 7.87
C SER A 707 -7.18 -41.79 9.31
N THR A 708 -8.04 -42.19 10.24
CA THR A 708 -7.67 -42.34 11.64
C THR A 708 -7.09 -43.71 11.95
N SER A 709 -6.56 -44.40 10.94
CA SER A 709 -6.02 -45.74 11.12
C SER A 709 -4.68 -45.76 11.84
N LYS A 710 -4.05 -44.60 12.03
CA LYS A 710 -2.76 -44.52 12.71
C LYS A 710 -2.85 -43.52 13.85
N GLU A 711 -2.27 -43.88 14.99
CA GLU A 711 -2.16 -42.97 16.13
C GLU A 711 -1.23 -41.82 15.76
N GLU A 712 -1.75 -40.60 15.81
CA GLU A 712 -0.98 -39.45 15.34
C GLU A 712 -1.65 -38.18 15.83
N THR A 713 -0.84 -37.15 16.03
CA THR A 713 -1.32 -35.81 16.33
C THR A 713 -0.98 -34.90 15.16
N TYR A 714 -1.99 -34.22 14.62
CA TYR A 714 -1.87 -33.44 13.40
C TYR A 714 -1.96 -31.95 13.69
N LYS A 715 -1.88 -31.16 12.61
CA LYS A 715 -2.05 -29.70 12.67
C LYS A 715 -2.70 -29.26 11.37
N VAL A 716 -3.93 -28.78 11.47
CA VAL A 716 -4.75 -28.48 10.30
C VAL A 716 -4.87 -26.96 10.14
N GLU A 717 -4.62 -26.49 8.92
CA GLU A 717 -4.73 -25.08 8.57
C GLU A 717 -5.55 -24.93 7.29
N PHE A 718 -6.33 -23.86 7.23
CA PHE A 718 -7.18 -23.58 6.07
C PHE A 718 -6.81 -22.23 5.49
N PHE A 719 -6.75 -22.15 4.15
CA PHE A 719 -6.31 -20.96 3.45
C PHE A 719 -7.37 -20.50 2.45
N SER A 720 -7.55 -19.17 2.39
CA SER A 720 -8.46 -18.53 1.46
C SER A 720 -7.84 -18.44 0.07
N PRO A 721 -8.67 -18.40 -0.98
CA PRO A 721 -8.13 -18.16 -2.32
C PRO A 721 -7.39 -16.84 -2.42
N ILE A 722 -7.81 -15.82 -1.68
CA ILE A 722 -7.18 -14.51 -1.74
C ILE A 722 -5.82 -14.47 -1.05
N ASN A 723 -5.51 -15.48 -0.24
CA ASN A 723 -4.27 -15.46 0.54
C ASN A 723 -3.85 -16.91 0.80
N SER A 724 -2.78 -17.34 0.14
CA SER A 724 -2.30 -18.71 0.27
C SER A 724 -1.17 -18.84 1.29
N THR A 725 -0.91 -17.80 2.08
CA THR A 725 0.14 -17.82 3.09
C THR A 725 -0.37 -17.70 4.51
N LYS A 726 -1.34 -16.81 4.76
CA LYS A 726 -1.86 -16.61 6.12
C LYS A 726 -3.13 -17.42 6.29
N PRO A 727 -3.16 -18.38 7.23
CA PRO A 727 -4.36 -19.21 7.37
C PRO A 727 -5.51 -18.45 8.01
N VAL A 728 -6.73 -18.85 7.63
CA VAL A 728 -7.93 -18.23 8.19
C VAL A 728 -8.43 -18.95 9.43
N HIS A 729 -8.10 -20.23 9.60
CA HIS A 729 -8.45 -20.97 10.80
C HIS A 729 -7.43 -22.08 11.00
N GLU A 730 -7.04 -22.28 12.26
CA GLU A 730 -6.02 -23.25 12.63
C GLU A 730 -6.56 -24.14 13.73
N ALA A 731 -6.22 -25.42 13.68
CA ALA A 731 -6.82 -26.39 14.59
C ALA A 731 -5.80 -27.49 14.92
N LYS A 732 -6.18 -28.33 15.88
CA LYS A 732 -5.34 -29.44 16.34
C LYS A 732 -6.17 -30.72 16.35
N ILE A 733 -5.72 -31.72 15.62
CA ILE A 733 -6.38 -33.02 15.56
C ILE A 733 -5.51 -34.03 16.29
N VAL A 734 -6.09 -34.71 17.28
CA VAL A 734 -5.37 -35.68 18.10
C VAL A 734 -6.03 -37.04 17.86
N VAL A 735 -5.38 -37.91 17.10
CA VAL A 735 -5.83 -39.27 16.92
C VAL A 735 -5.09 -40.16 17.91
N GLY A 736 -5.85 -40.86 18.75
CA GLY A 736 -5.22 -41.64 19.80
C GLY A 736 -4.63 -40.75 20.87
N GLU A 737 -3.45 -41.12 21.36
CA GLU A 737 -2.77 -40.34 22.38
C GLU A 737 -1.98 -39.21 21.75
N GLU A 738 -1.88 -38.10 22.48
CA GLU A 738 -1.31 -36.88 21.92
C GLU A 738 0.21 -36.96 21.89
N LYS A 739 0.77 -36.74 20.71
CA LYS A 739 2.21 -36.64 20.52
C LYS A 739 2.61 -35.17 20.39
N THR A 740 3.77 -34.83 20.94
CA THR A 740 4.29 -33.48 20.81
C THR A 740 4.68 -33.22 19.36
N MET A 741 4.40 -32.01 18.89
CA MET A 741 4.77 -31.61 17.53
C MET A 741 6.25 -31.29 17.46
N MET A 742 6.95 -31.93 16.52
CA MET A 742 8.38 -31.70 16.34
C MET A 742 8.61 -30.59 15.32
N VAL A 743 9.72 -29.86 15.50
CA VAL A 743 10.05 -28.73 14.66
C VAL A 743 11.24 -29.11 13.77
N ASN A 744 11.52 -28.23 12.80
CA ASN A 744 12.62 -28.42 11.85
C ASN A 744 13.86 -27.77 12.44
N LEU A 745 14.75 -28.58 13.03
CA LEU A 745 15.94 -28.05 13.67
C LEU A 745 16.95 -27.51 12.67
N ALA A 746 16.85 -27.90 11.40
CA ALA A 746 17.79 -27.47 10.38
C ALA A 746 17.37 -26.20 9.66
N GLU A 747 16.17 -25.68 9.94
CA GLU A 747 15.73 -24.47 9.27
C GLU A 747 16.62 -23.31 9.67
N GLY A 748 17.17 -22.62 8.67
CA GLY A 748 18.14 -21.56 8.92
C GLY A 748 19.54 -22.05 9.22
N ALA A 749 19.88 -23.28 8.82
CA ALA A 749 21.18 -23.85 9.16
C ALA A 749 22.30 -23.07 8.48
N THR A 750 23.45 -23.03 9.16
CA THR A 750 24.64 -22.38 8.62
C THR A 750 25.46 -23.40 7.86
N ILE A 751 25.83 -23.06 6.63
CA ILE A 751 26.61 -23.97 5.78
C ILE A 751 28.08 -23.88 6.21
N ILE A 752 28.62 -25.02 6.64
CA ILE A 752 29.99 -25.05 7.15
C ILE A 752 30.98 -25.45 6.07
N GLY A 753 30.62 -26.42 5.22
CA GLY A 753 31.50 -26.84 4.16
C GLY A 753 30.80 -27.80 3.22
N GLY A 754 31.59 -28.42 2.34
CA GLY A 754 31.08 -29.44 1.47
C GLY A 754 31.42 -29.17 0.02
N ASP A 755 30.69 -29.84 -0.88
CA ASP A 755 30.93 -29.79 -2.32
C ASP A 755 29.94 -28.90 -3.06
N ALA A 756 28.83 -28.51 -2.42
CA ALA A 756 27.74 -27.84 -3.11
C ALA A 756 27.97 -26.35 -3.19
N ASP A 757 27.32 -25.73 -4.17
CA ASP A 757 27.38 -24.28 -4.31
C ASP A 757 26.75 -23.63 -3.08
N PRO A 758 27.50 -22.81 -2.34
CA PRO A 758 26.95 -22.27 -1.09
C PRO A 758 25.72 -21.41 -1.28
N THR A 759 25.56 -20.80 -2.46
CA THR A 759 24.37 -19.99 -2.71
C THR A 759 23.10 -20.82 -2.68
N ASN A 760 23.16 -22.03 -3.25
CA ASN A 760 22.02 -22.92 -3.30
C ASN A 760 21.98 -23.93 -2.16
N ALA A 761 23.08 -24.09 -1.42
CA ALA A 761 23.04 -24.91 -0.22
C ALA A 761 22.18 -24.26 0.86
N LYS A 762 22.20 -22.92 0.93
CA LYS A 762 21.33 -22.23 1.86
C LYS A 762 19.86 -22.43 1.49
N LYS A 763 19.55 -22.57 0.21
CA LYS A 763 18.17 -22.82 -0.22
C LYS A 763 17.66 -24.18 0.23
N VAL A 764 18.54 -25.09 0.65
CA VAL A 764 18.09 -26.37 1.19
C VAL A 764 17.45 -26.17 2.56
N PHE A 765 17.95 -25.21 3.34
CA PHE A 765 17.48 -25.02 4.71
C PHE A 765 16.74 -23.71 4.90
N ASP A 766 16.30 -23.05 3.83
CA ASP A 766 15.67 -21.74 3.98
C ASP A 766 14.24 -21.86 4.49
N GLY A 767 13.42 -22.70 3.86
CA GLY A 767 12.09 -22.92 4.37
C GLY A 767 10.97 -22.88 3.33
N LEU A 768 11.14 -22.12 2.25
CA LEU A 768 10.08 -22.02 1.24
C LEU A 768 9.90 -23.40 0.63
N LEU A 769 8.72 -23.98 0.83
CA LEU A 769 8.49 -25.39 0.53
C LEU A 769 8.95 -25.71 -0.89
N ASN A 770 9.97 -26.57 -0.96
CA ASN A 770 10.67 -26.98 -2.19
C ASN A 770 10.82 -25.85 -3.21
N ASN A 771 11.41 -24.73 -2.77
CA ASN A 771 12.07 -23.84 -3.73
C ASN A 771 11.23 -23.10 -4.78
N ASP A 772 10.97 -21.83 -4.48
CA ASP A 772 10.39 -20.94 -5.47
C ASP A 772 11.24 -20.81 -6.74
N THR A 773 11.18 -21.84 -7.59
CA THR A 773 11.84 -21.92 -8.90
C THR A 773 13.31 -21.52 -8.84
N THR A 774 14.00 -21.92 -7.76
CA THR A 774 15.45 -21.73 -7.65
C THR A 774 16.08 -23.05 -8.05
N THR A 775 17.37 -23.21 -7.77
CA THR A 775 18.26 -24.12 -8.50
C THR A 775 19.03 -25.07 -7.56
N LEU A 776 20.04 -25.74 -8.12
CA LEU A 776 20.64 -26.98 -7.66
C LEU A 776 22.04 -26.78 -7.09
N SER A 777 22.68 -27.91 -6.72
CA SER A 777 23.89 -27.92 -5.92
C SER A 777 25.18 -28.00 -6.73
N THR A 778 25.36 -29.10 -7.48
CA THR A 778 26.64 -29.41 -8.12
C THR A 778 26.31 -30.02 -9.50
N SER A 779 27.30 -30.66 -10.14
CA SER A 779 27.10 -31.21 -11.47
C SER A 779 26.95 -32.72 -11.54
N ASN A 780 27.44 -33.49 -10.55
CA ASN A 780 27.02 -34.89 -10.50
C ASN A 780 26.56 -35.36 -9.12
N LYS A 781 27.29 -34.96 -8.08
CA LYS A 781 27.18 -35.59 -6.77
C LYS A 781 27.68 -34.59 -5.74
N ALA A 782 26.80 -34.17 -4.85
CA ALA A 782 27.10 -33.07 -3.95
C ALA A 782 27.09 -33.55 -2.51
N SER A 783 27.89 -32.88 -1.68
CA SER A 783 27.93 -33.09 -0.25
C SER A 783 27.84 -31.74 0.43
N ILE A 784 27.16 -31.70 1.57
CA ILE A 784 27.01 -30.48 2.35
C ILE A 784 27.31 -30.78 3.81
N ILE A 785 28.04 -29.89 4.46
CA ILE A 785 28.33 -29.96 5.88
C ILE A 785 27.74 -28.70 6.52
N PHE A 786 26.82 -28.87 7.46
CA PHE A 786 26.08 -27.74 7.99
C PHE A 786 25.95 -27.85 9.51
N GLU A 787 25.65 -26.71 10.13
CA GLU A 787 25.51 -26.58 11.57
C GLU A 787 24.10 -26.13 11.91
N LEU A 788 23.47 -26.82 12.85
CA LEU A 788 22.14 -26.43 13.30
C LEU A 788 22.20 -25.12 14.08
N LYS A 789 21.18 -24.28 13.91
CA LYS A 789 21.10 -23.04 14.65
C LYS A 789 21.02 -23.32 16.15
N GLU A 790 19.93 -23.94 16.59
CA GLU A 790 19.79 -24.37 17.97
C GLU A 790 19.82 -25.89 18.03
N PRO A 791 20.89 -26.50 18.55
CA PRO A 791 20.94 -27.96 18.61
C PRO A 791 19.93 -28.52 19.60
N GLY A 792 19.52 -29.76 19.35
CA GLY A 792 18.55 -30.39 20.21
C GLY A 792 18.44 -31.87 19.93
N LEU A 793 17.38 -32.47 20.46
CA LEU A 793 17.13 -33.89 20.30
C LEU A 793 16.59 -34.16 18.90
N VAL A 794 17.26 -35.03 18.15
CA VAL A 794 16.92 -35.33 16.77
C VAL A 794 16.26 -36.70 16.72
N LYS A 795 15.03 -36.74 16.24
CA LYS A 795 14.25 -37.97 16.17
C LYS A 795 13.86 -38.39 14.76
N HIS A 796 13.87 -37.46 13.80
CA HIS A 796 13.38 -37.72 12.46
C HIS A 796 14.14 -36.86 11.47
N TRP A 797 14.14 -37.28 10.21
CA TRP A 797 14.77 -36.51 9.15
C TRP A 797 14.01 -36.75 7.86
N ARG A 798 14.14 -35.80 6.93
CA ARG A 798 13.38 -35.86 5.69
C ARG A 798 14.03 -34.96 4.66
N PHE A 799 14.03 -35.44 3.40
CA PHE A 799 14.50 -34.64 2.28
C PHE A 799 13.54 -34.85 1.11
N PHE A 800 13.54 -33.89 0.20
CA PHE A 800 12.65 -33.91 -0.96
C PHE A 800 13.45 -33.90 -2.25
N ASN A 801 12.79 -34.33 -3.31
CA ASN A 801 13.23 -34.07 -4.67
C ASN A 801 12.40 -32.94 -5.25
N ASP A 802 12.63 -32.63 -6.52
CA ASP A 802 11.97 -31.47 -7.11
C ASP A 802 10.48 -31.79 -7.31
N SER A 803 9.69 -30.74 -7.51
CA SER A 803 8.24 -30.83 -7.29
C SER A 803 7.53 -31.62 -8.38
N LYS A 804 7.92 -32.88 -8.56
CA LYS A 804 7.58 -33.66 -9.75
C LYS A 804 7.92 -32.88 -11.03
N ILE A 805 8.73 -31.83 -10.88
CA ILE A 805 9.26 -31.11 -12.02
C ILE A 805 10.20 -32.01 -12.80
N SER A 806 10.89 -32.91 -12.11
CA SER A 806 11.77 -33.88 -12.73
C SER A 806 11.23 -35.28 -12.52
N LYS A 807 11.72 -36.19 -13.36
CA LYS A 807 11.36 -37.60 -13.31
C LYS A 807 12.56 -38.39 -13.81
N ALA A 808 12.94 -39.43 -13.06
CA ALA A 808 14.11 -40.27 -13.32
C ALA A 808 15.43 -39.53 -13.12
N ASP A 809 15.38 -38.30 -12.60
CA ASP A 809 16.58 -37.55 -12.21
C ASP A 809 16.68 -37.40 -10.70
N TYR A 810 15.92 -38.20 -9.95
CA TYR A 810 15.85 -38.07 -8.51
C TYR A 810 17.14 -38.53 -7.84
N ILE A 811 17.37 -37.99 -6.64
CA ILE A 811 18.42 -38.52 -5.77
C ILE A 811 18.13 -39.98 -5.51
N LYS A 812 19.10 -40.85 -5.79
CA LYS A 812 18.90 -42.28 -5.63
C LYS A 812 19.74 -42.90 -4.53
N GLU A 813 20.77 -42.21 -4.06
CA GLU A 813 21.59 -42.67 -2.95
C GLU A 813 21.90 -41.49 -2.05
N ALA A 814 21.59 -41.62 -0.76
CA ALA A 814 21.82 -40.57 0.21
C ALA A 814 22.52 -41.15 1.43
N LYS A 815 23.34 -40.31 2.08
CA LYS A 815 24.06 -40.70 3.28
C LYS A 815 24.05 -39.54 4.25
N LEU A 816 23.32 -39.68 5.35
CA LEU A 816 23.25 -38.67 6.40
C LEU A 816 24.19 -39.06 7.53
N GLU A 817 25.00 -38.10 7.99
CA GLU A 817 26.02 -38.35 9.00
C GLU A 817 25.93 -37.33 10.12
N ALA A 818 26.30 -37.78 11.31
CA ALA A 818 26.35 -36.93 12.49
C ALA A 818 27.77 -36.89 13.03
N PHE A 819 28.15 -35.76 13.61
CA PHE A 819 29.50 -35.55 14.09
C PHE A 819 29.57 -35.70 15.60
N VAL A 820 30.46 -36.57 16.07
CA VAL A 820 30.70 -36.78 17.49
C VAL A 820 32.17 -36.70 17.87
N GLY A 821 33.08 -36.53 16.91
CA GLY A 821 34.52 -36.49 17.19
C GLY A 821 34.91 -35.32 18.04
N HIS A 822 34.06 -34.95 19.00
CA HIS A 822 34.35 -33.83 19.93
C HIS A 822 34.72 -32.63 19.08
N LEU A 823 36.01 -32.40 18.86
CA LEU A 823 36.50 -31.31 17.99
C LEU A 823 38.01 -31.47 17.92
N GLU A 824 38.62 -31.44 16.73
CA GLU A 824 40.10 -31.46 16.70
C GLU A 824 40.55 -30.03 17.00
N ASP A 825 40.04 -29.45 18.09
CA ASP A 825 40.29 -28.03 18.45
C ASP A 825 40.12 -27.14 17.23
N SER A 826 41.09 -26.25 17.02
CA SER A 826 40.98 -25.26 15.92
C SER A 826 39.58 -24.67 15.94
N SER A 827 39.02 -24.34 17.11
CA SER A 827 37.70 -23.67 17.11
C SER A 827 37.82 -22.54 16.09
N LYS A 828 39.01 -21.95 15.97
CA LYS A 828 39.27 -20.96 14.93
C LYS A 828 38.98 -21.45 13.51
N VAL A 829 39.42 -22.65 13.16
CA VAL A 829 39.15 -23.23 11.84
C VAL A 829 38.37 -24.52 12.07
N LYS A 830 37.05 -24.38 12.13
CA LYS A 830 36.15 -25.52 12.21
C LYS A 830 36.24 -26.38 10.95
N ASP A 831 36.16 -25.75 9.78
CA ASP A 831 35.81 -26.45 8.55
C ASP A 831 36.89 -27.45 8.15
N SER A 832 38.15 -27.01 8.17
CA SER A 832 39.24 -27.84 7.64
C SER A 832 39.41 -29.14 8.39
N LEU A 833 38.98 -29.19 9.65
CA LEU A 833 39.08 -30.41 10.43
C LEU A 833 37.74 -31.11 10.56
N GLU A 834 36.65 -30.35 10.43
CA GLU A 834 35.35 -30.95 10.12
C GLU A 834 35.45 -31.87 8.91
N LYS A 835 36.27 -31.50 7.93
CA LYS A 835 36.40 -32.24 6.68
C LYS A 835 37.06 -33.60 6.83
N SER A 836 37.65 -33.92 7.99
CA SER A 836 38.51 -35.10 8.08
C SER A 836 38.19 -36.03 9.25
N THR A 837 37.66 -35.51 10.35
CA THR A 837 37.55 -36.26 11.59
C THR A 837 36.48 -37.35 11.48
N GLU A 838 36.18 -38.00 12.61
CA GLU A 838 35.38 -39.22 12.59
C GLU A 838 33.90 -38.90 12.77
N TRP A 839 33.11 -39.31 11.78
CA TRP A 839 31.68 -39.10 11.74
C TRP A 839 30.96 -40.44 11.95
N VAL A 840 29.64 -40.37 12.09
CA VAL A 840 28.80 -41.55 12.25
C VAL A 840 27.69 -41.51 11.22
N THR A 841 27.55 -42.59 10.46
CA THR A 841 26.47 -42.73 9.50
C THR A 841 25.16 -43.01 10.25
N VAL A 842 24.17 -42.13 10.09
CA VAL A 842 22.91 -42.29 10.79
C VAL A 842 21.83 -42.76 9.84
N SER A 843 21.99 -42.46 8.55
CA SER A 843 21.04 -42.94 7.56
C SER A 843 21.76 -43.18 6.24
N ASP A 844 21.40 -44.28 5.57
CA ASP A 844 21.97 -44.67 4.28
C ASP A 844 20.80 -45.00 3.36
N TYR A 845 20.30 -43.99 2.67
CA TYR A 845 19.11 -44.15 1.84
C TYR A 845 19.48 -44.61 0.44
N SER A 846 18.59 -45.41 -0.16
CA SER A 846 18.75 -45.86 -1.53
C SER A 846 17.37 -46.16 -2.09
N GLY A 847 16.89 -45.32 -2.99
CA GLY A 847 15.56 -45.52 -3.53
C GLY A 847 15.29 -44.62 -4.71
N GLU A 848 13.99 -44.47 -5.02
CA GLU A 848 13.59 -43.68 -6.18
C GLU A 848 12.42 -42.73 -5.86
N ALA A 849 12.09 -42.53 -4.57
CA ALA A 849 10.91 -41.75 -4.22
C ALA A 849 11.15 -40.26 -4.46
N GLN A 850 10.06 -39.50 -4.40
CA GLN A 850 10.14 -38.04 -4.42
C GLN A 850 10.30 -37.44 -3.04
N GLU A 851 9.81 -38.14 -2.01
CA GLU A 851 9.94 -37.73 -0.62
C GLU A 851 10.36 -38.93 0.21
N PHE A 852 11.36 -38.76 1.06
CA PHE A 852 11.83 -39.82 1.93
C PHE A 852 11.96 -39.30 3.35
N SER A 853 11.35 -40.03 4.29
CA SER A 853 11.43 -39.69 5.71
C SER A 853 11.69 -40.96 6.50
N GLN A 854 12.40 -40.82 7.63
CA GLN A 854 12.83 -41.97 8.41
C GLN A 854 13.12 -41.55 9.84
N PRO A 855 12.77 -42.35 10.83
CA PRO A 855 13.10 -42.01 12.22
C PRO A 855 14.60 -42.12 12.50
N LEU A 856 15.03 -41.37 13.51
CA LEU A 856 16.41 -41.41 13.96
C LEU A 856 16.45 -41.68 15.45
N ASN A 857 17.56 -42.25 15.91
CA ASN A 857 17.68 -42.75 17.28
C ASN A 857 18.37 -41.74 18.19
N ASN A 858 17.73 -40.58 18.37
CA ASN A 858 18.05 -39.62 19.43
C ASN A 858 19.52 -39.19 19.36
N ILE A 859 19.84 -38.47 18.29
CA ILE A 859 21.18 -37.93 18.09
C ILE A 859 21.18 -36.47 18.56
N GLY A 860 22.26 -36.07 19.22
CA GLY A 860 22.36 -34.71 19.72
C GLY A 860 23.47 -33.90 19.09
N ALA A 861 23.87 -34.26 17.87
CA ALA A 861 24.97 -33.58 17.21
C ALA A 861 24.55 -32.20 16.70
N LYS A 862 25.54 -31.32 16.55
CA LYS A 862 25.34 -29.99 16.03
C LYS A 862 25.94 -29.77 14.65
N TYR A 863 26.79 -30.68 14.19
CA TYR A 863 27.38 -30.60 12.85
C TYR A 863 27.00 -31.86 12.09
N TRP A 864 26.40 -31.67 10.91
CA TRP A 864 25.89 -32.77 10.11
C TRP A 864 26.45 -32.71 8.70
N ARG A 865 26.43 -33.87 8.03
CA ARG A 865 26.89 -33.98 6.65
C ARG A 865 25.86 -34.76 5.85
N ILE A 866 25.47 -34.21 4.70
CA ILE A 866 24.56 -34.87 3.77
C ILE A 866 25.29 -35.07 2.45
N THR A 867 25.18 -36.28 1.90
CA THR A 867 25.76 -36.62 0.61
C THR A 867 24.66 -37.20 -0.27
N ILE A 868 24.53 -36.70 -1.49
CA ILE A 868 23.50 -37.15 -2.42
C ILE A 868 24.16 -37.55 -3.73
N ASP A 869 23.49 -38.43 -4.45
CA ASP A 869 23.99 -38.92 -5.73
C ASP A 869 22.83 -39.48 -6.53
N ASN A 870 22.71 -39.09 -7.80
CA ASN A 870 21.56 -39.44 -8.61
C ASN A 870 21.86 -40.49 -9.67
N LYS A 871 23.01 -41.17 -9.57
CA LYS A 871 23.35 -42.29 -10.45
C LYS A 871 23.25 -41.90 -11.92
N LYS A 872 23.89 -40.79 -12.27
CA LYS A 872 23.85 -40.31 -13.65
C LYS A 872 25.25 -39.98 -14.16
N SER A 873 25.33 -39.36 -15.34
CA SER A 873 26.59 -38.96 -15.93
C SER A 873 27.36 -38.05 -14.98
N GLN A 874 28.67 -37.92 -15.25
CA GLN A 874 29.50 -36.99 -14.47
C GLN A 874 28.95 -35.57 -14.57
N TYR A 875 28.25 -35.25 -15.65
CA TYR A 875 27.44 -34.04 -15.74
C TYR A 875 25.96 -34.38 -15.50
N GLY A 876 25.69 -34.77 -14.26
CA GLY A 876 24.36 -35.22 -13.87
C GLY A 876 23.48 -34.16 -13.25
N TYR A 877 24.09 -33.12 -12.67
CA TYR A 877 23.37 -31.96 -12.14
C TYR A 877 22.35 -32.37 -11.07
N VAL A 878 22.88 -32.88 -9.96
CA VAL A 878 22.04 -33.30 -8.84
C VAL A 878 21.42 -32.08 -8.17
N SER A 879 20.18 -32.23 -7.70
CA SER A 879 19.45 -31.14 -7.06
C SER A 879 18.94 -31.60 -5.70
N LEU A 880 18.80 -30.64 -4.79
CA LEU A 880 18.24 -30.90 -3.45
C LEU A 880 17.46 -29.68 -3.00
N PRO A 881 16.14 -29.65 -3.23
CA PRO A 881 15.38 -28.44 -2.90
C PRO A 881 15.25 -28.17 -1.41
N GLU A 882 15.00 -29.20 -0.59
CA GLU A 882 14.88 -28.99 0.85
C GLU A 882 15.21 -30.28 1.59
N LEU A 883 15.79 -30.12 2.77
CA LEU A 883 16.11 -31.23 3.66
C LEU A 883 15.81 -30.80 5.10
N GLN A 884 15.11 -31.66 5.83
CA GLN A 884 14.67 -31.36 7.19
C GLN A 884 15.34 -32.29 8.19
N ILE A 885 15.81 -31.72 9.29
CA ILE A 885 16.27 -32.46 10.46
C ILE A 885 15.29 -32.16 11.58
N ILE A 886 14.47 -33.15 11.92
CA ILE A 886 13.25 -32.96 12.69
C ILE A 886 13.41 -33.56 14.07
N GLY A 887 13.03 -32.80 15.10
CA GLY A 887 13.14 -33.28 16.46
C GLY A 887 12.53 -32.29 17.42
N HIS A 888 12.94 -32.39 18.68
CA HIS A 888 12.44 -31.53 19.75
C HIS A 888 13.52 -30.56 20.19
N ARG A 889 13.16 -29.29 20.34
CA ARG A 889 14.11 -28.26 20.76
C ARG A 889 14.48 -28.47 22.21
N LEU A 890 15.65 -29.06 22.45
CA LEU A 890 16.17 -29.31 23.79
C LEU A 890 17.56 -28.69 23.89
N PRO A 891 17.70 -27.56 24.58
CA PRO A 891 19.03 -26.95 24.74
C PRO A 891 19.98 -27.91 25.43
N GLU A 892 21.23 -27.91 24.97
CA GLU A 892 22.28 -28.77 25.50
C GLU A 892 21.86 -30.24 25.49
N ALA A 893 21.20 -30.65 24.41
CA ALA A 893 20.82 -32.05 24.26
C ALA A 893 22.03 -32.93 23.94
N ALA A 894 23.11 -32.35 23.43
CA ALA A 894 24.32 -33.12 23.19
C ALA A 894 24.89 -33.67 24.50
N THR A 895 24.97 -32.80 25.52
CA THR A 895 25.45 -33.25 26.82
C THR A 895 24.49 -34.26 27.47
N VAL A 896 23.20 -34.20 27.11
CA VAL A 896 22.25 -35.16 27.65
C VAL A 896 22.49 -36.54 27.07
N MET A 897 22.69 -36.62 25.74
CA MET A 897 22.88 -37.91 25.10
C MET A 897 24.21 -38.55 25.48
N THR A 898 25.27 -37.73 25.57
CA THR A 898 26.58 -38.26 25.95
C THR A 898 26.58 -38.78 27.37
N THR A 899 25.90 -38.07 28.28
CA THR A 899 25.78 -38.55 29.66
C THR A 899 24.97 -39.82 29.74
N MET A 900 23.83 -39.88 29.02
CA MET A 900 23.03 -41.11 29.03
C MET A 900 23.79 -42.26 28.40
N ALA A 901 24.60 -41.97 27.38
CA ALA A 901 25.48 -42.99 26.84
C ALA A 901 26.52 -43.42 27.87
N ALA A 902 27.06 -42.46 28.62
CA ALA A 902 28.08 -42.76 29.62
C ALA A 902 27.51 -43.54 30.80
N ALA A 903 26.21 -43.45 31.05
CA ALA A 903 25.59 -44.18 32.15
C ALA A 903 25.08 -45.55 31.71
N GLU A 904 24.51 -45.64 30.51
CA GLU A 904 24.01 -46.92 30.02
C GLU A 904 25.14 -47.90 29.76
N GLU A 905 26.29 -47.41 29.30
CA GLU A 905 27.44 -48.26 29.03
C GLU A 905 28.32 -48.49 30.26
N LEU A 906 28.02 -47.81 31.38
CA LEU A 906 28.77 -48.01 32.62
C LEU A 906 28.07 -48.96 33.58
N SER A 907 26.74 -48.97 33.60
CA SER A 907 26.00 -50.03 34.28
C SER A 907 26.02 -51.33 33.50
N GLN A 908 26.49 -51.30 32.24
CA GLN A 908 26.73 -52.53 31.50
C GLN A 908 27.72 -53.42 32.24
N GLN A 909 28.78 -52.83 32.79
CA GLN A 909 29.84 -53.56 33.48
C GLN A 909 29.41 -53.78 34.91
N LYS A 910 28.75 -54.92 35.15
CA LYS A 910 28.27 -55.26 36.49
C LYS A 910 29.38 -55.74 37.42
N ASP A 911 30.63 -55.74 36.96
CA ASP A 911 31.76 -56.16 37.78
C ASP A 911 32.36 -55.04 38.61
N LYS A 912 31.90 -53.81 38.42
CA LYS A 912 32.42 -52.68 39.20
C LYS A 912 32.14 -52.88 40.68
N PHE A 913 30.87 -52.96 41.04
CA PHE A 913 30.45 -53.16 42.43
C PHE A 913 29.26 -54.11 42.43
N SER A 914 28.55 -54.15 43.56
CA SER A 914 27.37 -54.99 43.67
C SER A 914 26.31 -54.54 42.68
N GLN A 915 25.61 -55.51 42.09
CA GLN A 915 24.56 -55.18 41.13
C GLN A 915 23.41 -54.45 41.80
N GLU A 916 23.20 -54.66 43.10
CA GLU A 916 22.04 -54.11 43.77
C GLU A 916 22.19 -52.63 44.07
N GLN A 917 23.38 -52.20 44.53
CA GLN A 917 23.51 -50.81 44.93
C GLN A 917 23.45 -49.88 43.73
N LEU A 918 23.85 -50.36 42.56
CA LEU A 918 23.81 -49.58 41.34
C LEU A 918 22.53 -49.82 40.53
N LYS A 919 21.60 -50.61 41.07
CA LYS A 919 20.25 -50.61 40.54
C LYS A 919 19.58 -49.25 40.77
N GLU A 920 20.07 -48.48 41.75
CA GLU A 920 19.64 -47.09 41.90
C GLU A 920 19.98 -46.26 40.67
N LEU A 921 21.00 -46.66 39.91
CA LEU A 921 21.31 -46.05 38.63
C LEU A 921 20.64 -46.76 37.47
N GLU A 922 20.40 -48.07 37.58
CA GLU A 922 19.78 -48.83 36.50
C GLU A 922 18.31 -48.47 36.33
N VAL A 923 17.64 -48.07 37.40
CA VAL A 923 16.26 -47.61 37.28
C VAL A 923 16.18 -46.13 36.90
N LYS A 924 17.15 -45.33 37.30
CA LYS A 924 17.19 -43.91 36.93
C LYS A 924 17.65 -43.70 35.49
N VAL A 925 18.21 -44.71 34.84
CA VAL A 925 18.61 -44.55 33.45
C VAL A 925 17.44 -44.83 32.51
N ALA A 926 16.52 -45.72 32.90
CA ALA A 926 15.36 -45.94 32.06
C ALA A 926 14.27 -44.92 32.31
N ALA A 927 14.32 -44.19 33.44
CA ALA A 927 13.51 -42.99 33.57
C ALA A 927 13.97 -41.92 32.58
N LEU A 928 15.29 -41.74 32.45
CA LEU A 928 15.81 -40.77 31.49
C LEU A 928 15.52 -41.20 30.05
N LYS A 929 15.69 -42.49 29.75
CA LYS A 929 15.46 -42.96 28.39
C LYS A 929 13.98 -42.89 28.02
N ALA A 930 13.10 -43.27 28.95
CA ALA A 930 11.67 -43.19 28.67
C ALA A 930 11.21 -41.75 28.50
N ALA A 931 11.82 -40.81 29.23
CA ALA A 931 11.51 -39.41 29.02
C ALA A 931 11.96 -38.93 27.65
N LEU A 932 13.06 -39.48 27.14
CA LEU A 932 13.56 -39.11 25.82
C LEU A 932 12.75 -39.72 24.69
N ASP A 933 12.07 -40.85 24.93
CA ASP A 933 11.30 -41.53 23.90
C ASP A 933 9.80 -41.37 24.08
N ASN A 934 9.35 -40.57 25.04
CA ASN A 934 7.93 -40.41 25.28
C ASN A 934 7.28 -39.58 24.18
N LYS A 935 6.03 -39.92 23.84
CA LYS A 935 5.30 -39.14 22.85
C LYS A 935 5.11 -37.69 23.30
N MET A 936 4.81 -37.50 24.59
CA MET A 936 4.72 -36.16 25.16
C MET A 936 6.10 -35.76 25.67
N PHE A 937 6.91 -35.26 24.75
CA PHE A 937 8.24 -34.75 25.08
C PHE A 937 8.14 -33.62 26.10
N ASN A 938 8.64 -33.86 27.31
CA ASN A 938 8.63 -32.85 28.37
C ASN A 938 10.06 -32.40 28.61
N ALA A 939 10.34 -31.13 28.31
CA ALA A 939 11.69 -30.61 28.49
C ALA A 939 12.10 -30.61 29.96
N ASP A 940 11.19 -30.22 30.86
CA ASP A 940 11.51 -30.19 32.27
C ASP A 940 11.77 -31.58 32.83
N THR A 941 10.96 -32.56 32.42
CA THR A 941 11.13 -33.93 32.91
C THR A 941 12.45 -34.54 32.45
N ILE A 942 13.04 -34.04 31.37
CA ILE A 942 14.30 -34.57 30.89
C ILE A 942 15.49 -33.83 31.51
N ASN A 943 15.43 -32.49 31.53
CA ASN A 943 16.53 -31.72 32.11
C ASN A 943 16.70 -32.02 33.59
N ALA A 944 15.59 -32.17 34.32
CA ALA A 944 15.68 -32.53 35.73
C ALA A 944 16.18 -33.96 35.90
N SER A 945 15.61 -34.90 35.15
CA SER A 945 16.03 -36.30 35.27
C SER A 945 17.42 -36.53 34.68
N PHE A 946 17.91 -35.63 33.82
CA PHE A 946 19.27 -35.74 33.34
C PHE A 946 20.28 -35.59 34.48
N ALA A 947 20.02 -34.65 35.39
CA ALA A 947 20.91 -34.44 36.52
C ALA A 947 20.95 -35.65 37.45
N ASP A 948 19.94 -36.51 37.41
CA ASP A 948 19.92 -37.67 38.28
C ASP A 948 21.04 -38.65 37.93
N VAL A 949 21.12 -39.06 36.66
CA VAL A 949 22.19 -39.95 36.24
C VAL A 949 23.53 -39.24 36.18
N LYS A 950 23.52 -37.91 36.08
CA LYS A 950 24.77 -37.16 36.08
C LYS A 950 25.47 -37.25 37.42
N ALA A 951 24.71 -37.32 38.52
CA ALA A 951 25.31 -37.42 39.84
C ALA A 951 26.00 -38.77 40.04
N TYR A 952 25.37 -39.86 39.60
CA TYR A 952 25.92 -41.18 39.87
C TYR A 952 27.10 -41.53 38.96
N ILE A 953 27.17 -40.97 37.75
CA ILE A 953 28.38 -41.16 36.96
C ILE A 953 29.54 -40.37 37.57
N ASP A 954 29.24 -39.23 38.18
CA ASP A 954 30.26 -38.53 38.96
C ASP A 954 30.71 -39.37 40.15
N LYS A 955 29.81 -40.22 40.66
CA LYS A 955 30.16 -41.24 41.65
C LYS A 955 30.65 -40.64 42.96
#